data_4JQI
#
_entry.id   4JQI
#
_cell.length_a   116.840
_cell.length_b   125.128
_cell.length_c   144.203
_cell.angle_alpha   90.00
_cell.angle_beta   90.00
_cell.angle_gamma   90.00
#
_symmetry.space_group_name_H-M   'I 21 21 21'
#
loop_
_entity.id
_entity.type
_entity.pdbx_description
1 polymer Beta-arrestin-1
2 polymer 'Fab30 heavy chain'
3 polymer 'Fab30 light chain'
4 polymer 'Vasopressin V2 receptor phosphopeptide'
5 non-polymer 'CHLORIDE ION'
6 non-polymer 1,2-ETHANEDIOL
7 non-polymer PROLINE
8 water water
#
loop_
_entity_poly.entity_id
_entity_poly.type
_entity_poly.pdbx_seq_one_letter_code
_entity_poly.pdbx_strand_id
1 'polypeptide(L)'
;GSPEFPGRLGDKGTRVFKKASPNGKLTVYLGKRDFVDHIDLVDPVDGVVLVDPEYLKERRVYVTLTCAFRYGREDLDVLG
LTFRKDLFVANVQSFPPAPEDKKPLTRLQERLIKKLGEHAYPFTFEIPPNLPCSVTLQPGPEDTGKACGVDYEVKAFCAE
NLEEKIHKRNSVRLVIRKVQYAPERPGPQPTAETTRQFLMSDKPLHLEASLDKEIYYHGEPISVNVHVTNNTNKTVKKIK
ISVRQYADICLFNTAQYKCPVAMEEADDTVAPSSTFCKVYTLTPFLANNREKRGLALDGKLKHEDTNLASSTLLREGANR
EILGIIVSYKVKVKLVVSRGGLLGDLASSDVAVELPFTLMHPKPKEEPPHREVPESETPVDTNLIELDTNDDDIVFEDFA
R
;
A
2 'polypeptide(L)'
;EISEVQLVESGGGLVQPGGSLRLSCAASGFNVYSSSIHWVRQAPGKGLEWVASISSYYGYTYYADSVKGRFTISADTSKN
TAYLQMNSLRAEDTAVYYCARSRQFWYSGLDYWGQGTLVTVSSASTKGPSVFPLAPSSKSTSGGTAALGCLVKDYFPEPV
TVSWNSGALTSGVHTFPAVLQSSGLYSLSSVVTVPSSSLGTQTYICNVNHKPSNTKVDKKVEPKSCDKTHHHHHHHH
;
H
3 'polypeptide(L)'
;SDIQMTQSPSSLSASVGDRVTITCRASQSVSSAVAWYQQKPGKAPKLLIYSASSLYSGVPSRFSGSRSGTDFTLTISSLQ
PEDFATYYCQQYKYVPVTFGQGTKVEIKRTVAAPSVFIFPPSDSQLKSGTASVVCLLNNFYPREAKVQWKVDNALQSGNS
QESVTEQDSKDSTYSLSSTLTLSKADYEKHKVYACEVTHQGLSSPVTKSFNRGEC
;
L
4 'polypeptide(L)' ARGR(TPO)PP(SEP)LGPQDE(SEP)C(TPO)(TPO)A(SEP)(SEP)(SEP)LAKDTSS V
#
# COMPACT_ATOMS: atom_id res chain seq x y z
N THR A 14 -19.37 11.93 7.55
CA THR A 14 -18.14 11.46 8.18
C THR A 14 -18.45 10.47 9.30
N ARG A 15 -17.40 9.93 9.92
CA ARG A 15 -17.57 8.92 10.96
C ARG A 15 -17.01 9.39 12.29
N VAL A 16 -17.40 8.70 13.37
CA VAL A 16 -16.88 8.96 14.69
C VAL A 16 -16.62 7.66 15.42
N PHE A 17 -15.79 7.73 16.48
CA PHE A 17 -15.52 6.57 17.31
C PHE A 17 -16.50 6.52 18.48
N LYS A 18 -16.91 5.32 18.86
CA LYS A 18 -17.72 5.14 20.05
C LYS A 18 -17.34 3.88 20.80
N LYS A 19 -17.50 3.91 22.13
CA LYS A 19 -17.22 2.75 22.94
C LYS A 19 -18.10 2.73 24.18
N ALA A 20 -18.71 1.59 24.45
CA ALA A 20 -19.69 1.50 25.53
C ALA A 20 -19.14 0.76 26.75
N SER A 21 -19.65 1.11 27.92
CA SER A 21 -19.35 0.39 29.14
C SER A 21 -19.95 -1.02 29.02
N PRO A 22 -19.37 -1.99 29.76
CA PRO A 22 -19.85 -3.38 29.74
C PRO A 22 -21.36 -3.50 29.96
N ASN A 23 -21.90 -2.65 30.83
CA ASN A 23 -23.33 -2.67 31.14
C ASN A 23 -24.16 -1.79 30.21
N GLY A 24 -23.50 -1.11 29.28
CA GLY A 24 -24.17 -0.30 28.28
C GLY A 24 -24.65 1.06 28.78
N LYS A 25 -24.60 1.25 30.09
CA LYS A 25 -25.11 2.47 30.72
C LYS A 25 -24.41 3.74 30.22
N LEU A 26 -23.17 3.58 29.77
CA LEU A 26 -22.36 4.72 29.33
C LEU A 26 -21.78 4.46 27.95
N THR A 27 -21.81 5.47 27.08
CA THR A 27 -21.21 5.33 25.76
C THR A 27 -20.44 6.58 25.34
N VAL A 28 -19.12 6.47 25.26
CA VAL A 28 -18.27 7.58 24.88
C VAL A 28 -18.17 7.74 23.36
N TYR A 29 -18.33 8.98 22.90
CA TYR A 29 -18.16 9.31 21.49
C TYR A 29 -17.04 10.33 21.31
N LEU A 30 -16.10 10.00 20.43
CA LEU A 30 -15.00 10.91 20.09
C LEU A 30 -14.88 11.09 18.58
N GLY A 31 -14.30 12.22 18.17
CA GLY A 31 -14.11 12.51 16.76
C GLY A 31 -12.88 11.86 16.18
N LYS A 32 -11.87 11.65 17.02
CA LYS A 32 -10.63 11.03 16.56
C LYS A 32 -9.83 10.49 17.75
N ARG A 33 -8.87 9.63 17.46
CA ARG A 33 -8.04 9.02 18.51
C ARG A 33 -6.69 9.72 18.62
N ASP A 34 -6.20 10.26 17.51
CA ASP A 34 -4.91 10.93 17.49
C ASP A 34 -5.05 12.45 17.56
N PHE A 35 -4.41 13.04 18.56
CA PHE A 35 -4.47 14.48 18.74
C PHE A 35 -3.09 15.11 18.53
N VAL A 36 -3.05 16.05 17.59
CA VAL A 36 -1.79 16.60 17.12
C VAL A 36 -1.27 17.72 18.02
N ASP A 37 -0.04 17.54 18.50
CA ASP A 37 0.65 18.59 19.23
C ASP A 37 1.39 19.49 18.26
N HIS A 38 0.92 20.73 18.15
CA HIS A 38 1.54 21.70 17.27
C HIS A 38 2.55 22.55 18.04
N ILE A 39 3.09 21.96 19.11
CA ILE A 39 4.03 22.64 20.02
C ILE A 39 3.40 23.83 20.76
N ASP A 40 2.94 24.83 20.01
CA ASP A 40 2.28 25.98 20.61
C ASP A 40 0.91 25.58 21.21
N LEU A 41 0.24 24.65 20.56
CA LEU A 41 -1.05 24.17 21.05
C LEU A 41 -1.28 22.71 20.66
N VAL A 42 -2.08 22.01 21.45
CA VAL A 42 -2.47 20.65 21.14
C VAL A 42 -3.93 20.64 20.74
N ASP A 43 -4.32 19.77 19.82
CA ASP A 43 -5.72 19.58 19.48
C ASP A 43 -6.48 19.26 20.75
N PRO A 44 -7.59 19.97 21.00
CA PRO A 44 -8.39 19.70 22.19
C PRO A 44 -9.05 18.32 22.08
N VAL A 45 -9.26 17.67 23.22
CA VAL A 45 -9.97 16.40 23.24
C VAL A 45 -11.44 16.64 23.52
N ASP A 46 -12.22 16.79 22.44
CA ASP A 46 -13.65 17.05 22.55
C ASP A 46 -14.44 15.80 22.21
N GLY A 47 -15.49 15.54 22.98
CA GLY A 47 -16.36 14.41 22.73
C GLY A 47 -17.65 14.53 23.50
N VAL A 48 -18.48 13.48 23.47
CA VAL A 48 -19.68 13.45 24.30
C VAL A 48 -19.83 12.11 25.00
N VAL A 49 -20.67 12.09 26.02
CA VAL A 49 -20.98 10.86 26.72
C VAL A 49 -22.49 10.64 26.73
N LEU A 50 -22.93 9.58 26.07
CA LEU A 50 -24.34 9.21 26.06
C LEU A 50 -24.64 8.38 27.30
N VAL A 51 -25.61 8.86 28.09
CA VAL A 51 -25.99 8.19 29.32
C VAL A 51 -27.37 7.59 29.18
N ASP A 52 -27.46 6.27 29.33
CA ASP A 52 -28.74 5.57 29.27
C ASP A 52 -29.45 5.71 30.63
N PRO A 53 -30.57 6.44 30.64
CA PRO A 53 -31.32 6.68 31.89
C PRO A 53 -32.00 5.42 32.41
N GLU A 54 -32.06 4.39 31.58
CA GLU A 54 -32.66 3.12 31.97
C GLU A 54 -31.78 2.36 32.96
N TYR A 55 -30.49 2.67 32.97
CA TYR A 55 -29.54 1.95 33.80
C TYR A 55 -28.78 2.86 34.77
N LEU A 56 -28.88 4.17 34.54
CA LEU A 56 -28.21 5.14 35.40
C LEU A 56 -28.96 5.33 36.71
N LYS A 57 -28.21 5.40 37.80
CA LYS A 57 -28.78 5.64 39.13
C LYS A 57 -27.76 6.45 39.93
N GLU A 58 -26.50 6.31 39.55
CA GLU A 58 -25.37 6.82 40.33
C GLU A 58 -25.41 8.34 40.44
N ARG A 59 -26.24 8.97 39.60
CA ARG A 59 -26.54 10.38 39.68
C ARG A 59 -25.39 11.34 39.38
N ARG A 60 -24.29 10.81 38.84
CA ARG A 60 -23.16 11.66 38.43
C ARG A 60 -22.15 10.92 37.54
N VAL A 61 -21.99 11.44 36.33
CA VAL A 61 -21.03 10.88 35.36
C VAL A 61 -19.86 11.83 35.11
N TYR A 62 -18.66 11.32 35.33
CA TYR A 62 -17.42 12.08 35.13
C TYR A 62 -16.64 11.59 33.92
N VAL A 63 -15.82 12.48 33.36
CA VAL A 63 -14.87 12.10 32.33
C VAL A 63 -13.48 12.57 32.74
N THR A 64 -12.48 11.73 32.53
CA THR A 64 -11.12 12.04 32.96
C THR A 64 -10.10 11.82 31.84
N LEU A 65 -9.22 12.80 31.64
CA LEU A 65 -8.10 12.65 30.73
C LEU A 65 -6.85 12.34 31.52
N THR A 66 -6.17 11.24 31.17
CA THR A 66 -5.00 10.80 31.91
C THR A 66 -3.80 10.55 31.00
N CYS A 67 -2.70 11.24 31.31
CA CYS A 67 -1.41 10.93 30.70
C CYS A 67 -0.62 10.09 31.68
N ALA A 68 -0.35 8.84 31.33
CA ALA A 68 0.29 7.96 32.28
C ALA A 68 1.53 7.25 31.75
N PHE A 69 2.45 6.98 32.67
CA PHE A 69 3.60 6.13 32.39
C PHE A 69 3.30 4.74 32.91
N ARG A 70 3.23 3.77 31.98
CA ARG A 70 2.96 2.40 32.36
C ARG A 70 4.25 1.60 32.40
N TYR A 71 4.40 0.76 33.41
CA TYR A 71 5.64 0.00 33.57
C TYR A 71 5.41 -1.30 34.32
N GLY A 72 6.32 -2.25 34.14
CA GLY A 72 6.31 -3.47 34.94
C GLY A 72 7.37 -3.37 36.01
N ARG A 73 7.16 -4.06 37.13
CA ARG A 73 8.15 -4.06 38.21
C ARG A 73 9.23 -5.13 37.96
N GLU A 74 10.48 -4.71 38.11
CA GLU A 74 11.61 -5.59 37.84
C GLU A 74 11.76 -6.68 38.90
N ASP A 75 11.20 -6.43 40.09
CA ASP A 75 11.36 -7.34 41.22
C ASP A 75 10.19 -8.31 41.37
N LEU A 76 9.15 -8.13 40.57
CA LEU A 76 7.98 -9.01 40.65
C LEU A 76 7.96 -10.02 39.52
N ASP A 77 7.64 -11.27 39.85
CA ASP A 77 7.59 -12.34 38.87
C ASP A 77 6.16 -12.68 38.49
N VAL A 78 5.34 -11.66 38.26
CA VAL A 78 3.95 -11.86 37.89
C VAL A 78 3.71 -11.46 36.44
N LEU A 79 3.44 -12.46 35.60
CA LEU A 79 3.25 -12.24 34.17
C LEU A 79 2.05 -11.36 33.88
N GLY A 80 2.26 -10.31 33.09
CA GLY A 80 1.18 -9.45 32.63
C GLY A 80 0.86 -8.33 33.58
N LEU A 81 1.57 -8.28 34.71
CA LEU A 81 1.32 -7.27 35.72
C LEU A 81 1.98 -5.95 35.35
N THR A 82 1.18 -4.89 35.27
CA THR A 82 1.71 -3.55 35.00
C THR A 82 1.13 -2.55 35.98
N PHE A 83 1.71 -1.35 35.98
CA PHE A 83 1.28 -0.26 36.85
C PHE A 83 1.28 1.03 36.05
N ARG A 84 0.33 1.92 36.35
CA ARG A 84 0.23 3.20 35.66
C ARG A 84 0.41 4.38 36.62
N LYS A 85 1.51 5.10 36.46
CA LYS A 85 1.75 6.29 37.27
C LYS A 85 1.30 7.53 36.49
N ASP A 86 0.42 8.32 37.09
CA ASP A 86 -0.12 9.51 36.46
C ASP A 86 0.91 10.63 36.35
N LEU A 87 0.96 11.27 35.19
CA LEU A 87 1.84 12.42 34.98
C LEU A 87 0.98 13.67 34.79
N PHE A 88 -0.26 13.45 34.38
CA PHE A 88 -1.19 14.54 34.14
C PHE A 88 -2.63 14.01 34.21
N VAL A 89 -3.42 14.61 35.08
CA VAL A 89 -4.82 14.22 35.22
C VAL A 89 -5.75 15.44 35.15
N ALA A 90 -6.75 15.36 34.30
CA ALA A 90 -7.75 16.41 34.18
C ALA A 90 -9.15 15.79 34.23
N ASN A 91 -10.06 16.45 34.94
CA ASN A 91 -11.42 15.93 35.10
C ASN A 91 -12.50 16.91 34.69
N VAL A 92 -13.61 16.38 34.19
CA VAL A 92 -14.77 17.18 33.84
C VAL A 92 -16.03 16.45 34.28
N GLN A 93 -16.91 17.15 34.97
CA GLN A 93 -18.21 16.60 35.34
C GLN A 93 -19.20 16.83 34.20
N SER A 94 -19.39 15.82 33.36
CA SER A 94 -20.32 15.90 32.25
C SER A 94 -21.76 15.84 32.74
N PHE A 95 -22.02 14.94 33.69
CA PHE A 95 -23.37 14.82 34.23
C PHE A 95 -23.40 14.90 35.75
N PRO A 96 -24.26 15.78 36.29
CA PRO A 96 -25.05 16.76 35.53
C PRO A 96 -24.17 17.95 35.14
N PRO A 97 -24.63 18.79 34.20
CA PRO A 97 -23.89 20.00 33.82
C PRO A 97 -23.56 20.87 35.04
N ALA A 98 -22.28 21.25 35.15
CA ALA A 98 -21.81 22.04 36.29
C ALA A 98 -22.57 23.36 36.42
N PRO A 99 -22.93 23.72 37.65
CA PRO A 99 -23.70 24.95 37.91
C PRO A 99 -22.91 26.20 37.57
N GLU A 100 -21.59 26.13 37.73
CA GLU A 100 -20.74 27.27 37.46
C GLU A 100 -20.32 27.30 36.00
N ASP A 101 -19.76 26.19 35.53
CA ASP A 101 -19.20 26.09 34.18
C ASP A 101 -20.20 26.39 33.07
N LYS A 102 -19.88 27.41 32.27
CA LYS A 102 -20.64 27.73 31.06
C LYS A 102 -19.66 27.90 29.91
N LYS A 103 -19.55 26.87 29.08
CA LYS A 103 -18.54 26.86 28.02
C LYS A 103 -19.16 26.58 26.65
N PRO A 104 -18.58 27.17 25.59
CA PRO A 104 -19.07 26.95 24.22
C PRO A 104 -18.77 25.55 23.71
N LEU A 105 -19.68 24.99 22.94
CA LEU A 105 -19.51 23.65 22.37
C LEU A 105 -18.71 23.71 21.07
N THR A 106 -17.93 22.67 20.81
CA THR A 106 -17.27 22.53 19.51
C THR A 106 -18.31 22.09 18.50
N ARG A 107 -18.02 22.28 17.21
CA ARG A 107 -18.94 21.88 16.16
C ARG A 107 -19.21 20.38 16.19
N LEU A 108 -18.15 19.61 16.42
CA LEU A 108 -18.26 18.17 16.58
C LEU A 108 -19.24 17.82 17.69
N GLN A 109 -19.10 18.52 18.81
CA GLN A 109 -19.95 18.28 19.97
C GLN A 109 -21.41 18.59 19.67
N GLU A 110 -21.68 19.73 19.06
CA GLU A 110 -23.06 20.10 18.76
C GLU A 110 -23.69 19.17 17.72
N ARG A 111 -22.88 18.68 16.78
CA ARG A 111 -23.36 17.66 15.85
C ARG A 111 -23.71 16.38 16.58
N LEU A 112 -22.85 15.97 17.52
CA LEU A 112 -23.09 14.78 18.32
C LEU A 112 -24.35 14.91 19.17
N ILE A 113 -24.58 16.10 19.72
CA ILE A 113 -25.78 16.36 20.51
C ILE A 113 -27.01 16.29 19.61
N LYS A 114 -26.87 16.85 18.41
CA LYS A 114 -27.95 16.83 17.43
C LYS A 114 -28.31 15.40 17.03
N LYS A 115 -27.31 14.53 16.98
CA LYS A 115 -27.55 13.13 16.59
C LYS A 115 -28.10 12.28 17.73
N LEU A 116 -27.49 12.41 18.90
CA LEU A 116 -27.80 11.52 20.03
C LEU A 116 -29.00 12.01 20.82
N GLY A 117 -29.09 13.32 21.03
CA GLY A 117 -30.18 13.90 21.79
C GLY A 117 -29.71 14.54 23.08
N GLU A 118 -30.66 14.82 23.97
CA GLU A 118 -30.36 15.52 25.22
C GLU A 118 -29.55 14.67 26.21
N HIS A 119 -29.58 13.35 26.03
CA HIS A 119 -28.89 12.45 26.95
C HIS A 119 -27.37 12.38 26.72
N ALA A 120 -26.90 13.08 25.69
CA ALA A 120 -25.47 13.16 25.42
C ALA A 120 -24.88 14.41 26.06
N TYR A 121 -23.92 14.23 26.95
CA TYR A 121 -23.31 15.36 27.63
C TYR A 121 -21.85 15.54 27.23
N PRO A 122 -21.52 16.76 26.75
CA PRO A 122 -20.19 17.04 26.19
C PRO A 122 -19.08 17.03 27.23
N PHE A 123 -17.87 16.71 26.79
CA PHE A 123 -16.66 16.90 27.58
C PHE A 123 -15.57 17.43 26.67
N THR A 124 -14.76 18.35 27.21
CA THR A 124 -13.67 18.95 26.46
C THR A 124 -12.43 19.11 27.33
N PHE A 125 -11.35 18.44 26.95
CA PHE A 125 -10.08 18.56 27.67
C PHE A 125 -9.08 19.37 26.86
N GLU A 126 -8.34 20.24 27.55
CA GLU A 126 -7.28 20.99 26.92
C GLU A 126 -5.95 20.40 27.36
N ILE A 127 -5.17 19.92 26.41
CA ILE A 127 -3.85 19.38 26.71
C ILE A 127 -2.81 20.50 26.71
N PRO A 128 -2.23 20.77 27.88
CA PRO A 128 -1.21 21.81 28.01
C PRO A 128 0.08 21.42 27.30
N PRO A 129 0.87 22.40 26.87
CA PRO A 129 2.16 22.14 26.23
C PRO A 129 3.14 21.48 27.20
N ASN A 130 4.26 20.99 26.66
CA ASN A 130 5.32 20.37 27.46
C ASN A 130 4.92 19.04 28.10
N LEU A 131 3.87 18.43 27.57
CA LEU A 131 3.50 17.09 27.99
C LEU A 131 4.13 16.06 27.06
N PRO A 132 4.43 14.86 27.57
CA PRO A 132 5.07 13.83 26.76
C PRO A 132 4.15 13.37 25.62
N CYS A 133 4.72 13.07 24.48
CA CYS A 133 3.95 12.46 23.39
C CYS A 133 3.80 10.96 23.67
N SER A 134 2.87 10.33 22.96
CA SER A 134 2.63 8.90 23.15
C SER A 134 3.79 8.06 22.64
N VAL A 135 4.47 7.40 23.56
CA VAL A 135 5.63 6.59 23.23
C VAL A 135 5.52 5.23 23.94
N THR A 136 5.76 4.16 23.21
CA THR A 136 5.72 2.82 23.76
C THR A 136 7.12 2.21 23.69
N LEU A 137 7.58 1.66 24.80
CA LEU A 137 8.87 0.99 24.82
C LEU A 137 8.71 -0.44 24.35
N GLN A 138 9.63 -0.89 23.49
CA GLN A 138 9.50 -2.21 22.87
C GLN A 138 9.56 -3.34 23.89
N PRO A 139 8.53 -4.20 23.90
CA PRO A 139 8.46 -5.34 24.82
C PRO A 139 9.40 -6.45 24.40
N GLY A 140 9.69 -7.35 25.33
CA GLY A 140 10.46 -8.54 25.02
C GLY A 140 9.55 -9.62 24.47
N PRO A 141 10.13 -10.73 23.99
CA PRO A 141 9.36 -11.83 23.41
C PRO A 141 8.35 -12.42 24.39
N GLU A 142 8.65 -12.34 25.69
CA GLU A 142 7.78 -12.93 26.70
C GLU A 142 7.08 -11.89 27.57
N ASP A 143 6.45 -10.91 26.94
CA ASP A 143 5.63 -9.93 27.65
C ASP A 143 4.18 -10.10 27.24
N THR A 144 3.29 -10.22 28.22
CA THR A 144 1.88 -10.45 27.93
C THR A 144 0.99 -9.32 28.42
N GLY A 145 1.57 -8.39 29.17
CA GLY A 145 0.82 -7.27 29.71
C GLY A 145 0.61 -6.17 28.70
N LYS A 146 -0.06 -5.11 29.12
CA LYS A 146 -0.26 -3.94 28.27
C LYS A 146 1.08 -3.34 27.87
N ALA A 147 1.07 -2.54 26.81
CA ALA A 147 2.28 -1.90 26.32
C ALA A 147 2.78 -0.86 27.32
N CYS A 148 4.08 -0.93 27.63
CA CYS A 148 4.68 0.00 28.57
C CYS A 148 5.20 1.27 27.90
N GLY A 149 5.29 2.34 28.67
CA GLY A 149 5.70 3.63 28.15
C GLY A 149 4.72 4.72 28.55
N VAL A 150 4.56 5.70 27.68
CA VAL A 150 3.68 6.84 27.97
C VAL A 150 2.47 6.81 27.05
N ASP A 151 1.28 6.86 27.64
CA ASP A 151 0.04 6.77 26.84
C ASP A 151 -1.04 7.70 27.37
N TYR A 152 -1.99 8.06 26.51
CA TYR A 152 -3.09 8.88 26.99
C TYR A 152 -4.38 8.05 27.05
N GLU A 153 -5.30 8.44 27.92
CA GLU A 153 -6.52 7.68 28.11
C GLU A 153 -7.68 8.57 28.52
N VAL A 154 -8.81 8.39 27.86
CA VAL A 154 -10.05 9.03 28.27
C VAL A 154 -10.92 8.02 29.00
N LYS A 155 -11.23 8.28 30.26
CA LYS A 155 -12.05 7.36 31.04
C LYS A 155 -13.33 8.02 31.52
N ALA A 156 -14.47 7.53 31.06
CA ALA A 156 -15.76 8.04 31.50
C ALA A 156 -16.42 7.05 32.44
N PHE A 157 -16.89 7.53 33.58
CA PHE A 157 -17.43 6.64 34.61
C PHE A 157 -18.59 7.24 35.39
N CYS A 158 -19.25 6.39 36.17
CA CYS A 158 -20.40 6.80 36.95
C CYS A 158 -20.11 6.61 38.43
N ALA A 159 -20.34 7.65 39.23
CA ALA A 159 -20.07 7.60 40.66
C ALA A 159 -20.84 8.68 41.41
N GLU A 160 -20.82 8.61 42.74
CA GLU A 160 -21.43 9.64 43.57
C GLU A 160 -20.51 10.83 43.67
N ASN A 161 -19.21 10.56 43.83
CA ASN A 161 -18.19 11.59 43.92
C ASN A 161 -16.85 11.07 43.40
N LEU A 162 -15.81 11.90 43.45
CA LEU A 162 -14.48 11.50 42.96
C LEU A 162 -13.78 10.54 43.91
N GLU A 163 -14.30 10.41 45.11
CA GLU A 163 -13.72 9.52 46.11
C GLU A 163 -14.14 8.08 45.83
N GLU A 164 -15.34 7.91 45.30
CA GLU A 164 -15.92 6.60 45.06
C GLU A 164 -15.02 5.67 44.25
N LYS A 165 -14.93 4.42 44.70
CA LYS A 165 -14.20 3.39 43.97
C LYS A 165 -14.96 3.05 42.69
N ILE A 166 -14.34 3.32 41.55
CA ILE A 166 -14.99 3.13 40.27
C ILE A 166 -15.20 1.66 39.93
N HIS A 167 -16.45 1.27 39.76
CA HIS A 167 -16.76 -0.06 39.26
C HIS A 167 -16.45 -0.11 37.77
N LYS A 168 -15.70 -1.13 37.35
CA LYS A 168 -15.23 -1.22 35.97
C LYS A 168 -16.39 -1.35 34.98
N ARG A 169 -17.50 -1.95 35.43
CA ARG A 169 -18.67 -2.10 34.59
C ARG A 169 -19.38 -0.76 34.40
N ASN A 170 -19.30 0.10 35.41
CA ASN A 170 -19.88 1.44 35.33
C ASN A 170 -18.91 2.44 34.72
N SER A 171 -18.01 1.97 33.86
CA SER A 171 -17.00 2.83 33.27
C SER A 171 -16.58 2.36 31.89
N VAL A 172 -15.84 3.21 31.20
CA VAL A 172 -15.34 2.89 29.86
C VAL A 172 -14.08 3.71 29.59
N ARG A 173 -13.03 3.04 29.14
CA ARG A 173 -11.77 3.72 28.83
C ARG A 173 -11.42 3.59 27.35
N LEU A 174 -10.85 4.65 26.80
CA LEU A 174 -10.44 4.67 25.42
C LEU A 174 -9.03 5.23 25.33
N VAL A 175 -8.11 4.45 24.79
CA VAL A 175 -6.73 4.88 24.64
C VAL A 175 -6.63 5.92 23.54
N ILE A 176 -5.98 7.04 23.85
CA ILE A 176 -5.68 8.04 22.84
C ILE A 176 -4.20 8.40 22.85
N ARG A 177 -3.78 8.97 21.72
CA ARG A 177 -2.39 9.30 21.47
C ARG A 177 -2.20 10.80 21.21
N LYS A 178 -1.13 11.35 21.79
CA LYS A 178 -0.71 12.69 21.46
C LYS A 178 0.47 12.57 20.51
N VAL A 179 0.32 13.12 19.31
CA VAL A 179 1.33 12.93 18.27
C VAL A 179 1.88 14.23 17.72
N GLN A 180 3.01 14.14 17.03
CA GLN A 180 3.63 15.28 16.37
C GLN A 180 4.05 14.88 14.97
N TYR A 181 4.07 15.85 14.07
CA TYR A 181 4.51 15.58 12.70
C TYR A 181 5.70 16.45 12.31
N ALA A 182 6.37 16.06 11.24
CA ALA A 182 7.56 16.77 10.78
C ALA A 182 7.23 18.21 10.42
N PRO A 183 8.13 19.15 10.78
CA PRO A 183 7.98 20.56 10.41
C PRO A 183 7.94 20.71 8.90
N GLU A 184 7.15 21.64 8.40
CA GLU A 184 7.02 21.85 6.96
C GLU A 184 8.34 22.33 6.35
N ARG A 185 9.07 23.15 7.10
CA ARG A 185 10.31 23.74 6.61
C ARG A 185 11.52 23.00 7.14
N PRO A 186 12.36 22.48 6.22
CA PRO A 186 13.55 21.72 6.60
C PRO A 186 14.58 22.58 7.32
N GLY A 187 15.21 22.03 8.35
CA GLY A 187 16.26 22.72 9.06
C GLY A 187 17.53 22.79 8.22
N PRO A 188 18.57 23.44 8.76
CA PRO A 188 19.84 23.53 8.03
C PRO A 188 20.47 22.16 7.89
N GLN A 189 21.23 21.96 6.80
CA GLN A 189 21.87 20.68 6.55
C GLN A 189 22.83 20.33 7.68
N PRO A 190 22.60 19.19 8.34
CA PRO A 190 23.47 18.71 9.41
C PRO A 190 24.89 18.42 8.92
N THR A 191 25.84 19.24 9.34
CA THR A 191 27.24 19.02 9.02
C THR A 191 28.03 19.03 10.32
N ALA A 192 29.16 18.36 10.33
CA ALA A 192 30.02 18.34 11.52
C ALA A 192 31.45 17.96 11.16
N GLU A 193 32.40 18.58 11.85
CA GLU A 193 33.81 18.35 11.58
C GLU A 193 34.61 18.25 12.87
N THR A 194 35.77 17.61 12.78
CA THR A 194 36.69 17.57 13.92
C THR A 194 38.12 17.37 13.44
N THR A 195 39.06 17.94 14.17
CA THR A 195 40.47 17.89 13.82
C THR A 195 41.29 17.33 14.96
N ARG A 196 41.90 16.17 14.73
CA ARG A 196 42.69 15.51 15.75
C ARG A 196 44.19 15.66 15.46
N GLN A 197 44.90 16.28 16.39
CA GLN A 197 46.35 16.38 16.28
C GLN A 197 47.01 15.39 17.24
N PHE A 198 47.87 14.54 16.70
CA PHE A 198 48.48 13.48 17.50
C PHE A 198 49.83 13.90 18.08
N LEU A 199 50.25 13.18 19.11
CA LEU A 199 51.49 13.44 19.81
C LEU A 199 52.70 13.42 18.88
N MET A 200 52.91 12.30 18.20
CA MET A 200 54.09 12.10 17.37
C MET A 200 53.97 12.74 15.98
N SER A 201 52.79 13.25 15.66
CA SER A 201 52.58 13.86 14.35
C SER A 201 52.48 15.39 14.45
N ASP A 202 52.87 16.07 13.38
CA ASP A 202 52.73 17.52 13.32
C ASP A 202 51.48 17.87 12.54
N LYS A 203 51.16 17.05 11.54
CA LYS A 203 50.00 17.24 10.70
C LYS A 203 48.79 16.53 11.30
N PRO A 204 47.59 17.12 11.15
CA PRO A 204 46.38 16.63 11.81
C PRO A 204 45.55 15.65 10.98
N LEU A 205 44.64 14.95 11.66
CA LEU A 205 43.68 14.08 11.02
C LEU A 205 42.31 14.76 11.02
N HIS A 206 41.80 15.07 9.83
CA HIS A 206 40.56 15.83 9.70
C HIS A 206 39.38 14.96 9.28
N LEU A 207 38.30 15.05 10.03
CA LEU A 207 37.08 14.31 9.71
C LEU A 207 35.92 15.27 9.46
N GLU A 208 35.35 15.20 8.27
CA GLU A 208 34.17 15.98 7.93
C GLU A 208 33.04 15.04 7.53
N ALA A 209 31.84 15.30 8.04
CA ALA A 209 30.69 14.49 7.70
C ALA A 209 29.45 15.36 7.55
N SER A 210 28.54 14.92 6.69
CA SER A 210 27.26 15.63 6.54
C SER A 210 26.16 14.68 6.12
N LEU A 211 24.92 15.05 6.44
CA LEU A 211 23.78 14.28 5.96
C LEU A 211 23.16 15.03 4.78
N ASP A 212 22.43 14.32 3.93
CA ASP A 212 21.83 14.96 2.76
C ASP A 212 20.76 15.98 3.16
N LYS A 213 20.11 15.75 4.30
CA LYS A 213 19.15 16.72 4.83
C LYS A 213 18.93 16.58 6.34
N GLU A 214 18.10 17.45 6.89
CA GLU A 214 17.87 17.51 8.33
C GLU A 214 16.66 16.66 8.75
N ILE A 215 15.65 16.60 7.89
CA ILE A 215 14.43 15.87 8.19
C ILE A 215 14.27 14.61 7.33
N TYR A 216 14.12 13.47 8.00
CA TYR A 216 13.88 12.21 7.31
C TYR A 216 12.54 11.64 7.73
N TYR A 217 11.93 10.86 6.84
CA TYR A 217 10.69 10.17 7.16
C TYR A 217 11.00 8.73 7.52
N HIS A 218 10.06 8.05 8.17
CA HIS A 218 10.30 6.67 8.59
C HIS A 218 10.42 5.71 7.41
N GLY A 219 11.53 4.99 7.36
CA GLY A 219 11.77 4.02 6.30
C GLY A 219 12.52 4.63 5.14
N GLU A 220 12.90 5.90 5.31
CA GLU A 220 13.62 6.62 4.27
C GLU A 220 15.13 6.49 4.47
N PRO A 221 15.87 6.33 3.37
CA PRO A 221 17.33 6.24 3.45
C PRO A 221 17.98 7.54 3.90
N ILE A 222 19.06 7.40 4.67
CA ILE A 222 19.86 8.52 5.15
C ILE A 222 21.24 8.43 4.53
N SER A 223 21.65 9.50 3.86
CA SER A 223 22.94 9.52 3.18
C SER A 223 23.97 10.33 3.96
N VAL A 224 25.05 9.66 4.35
CA VAL A 224 26.13 10.24 5.10
C VAL A 224 27.34 10.44 4.20
N ASN A 225 27.57 11.68 3.79
CA ASN A 225 28.77 12.05 3.06
C ASN A 225 29.94 12.16 4.04
N VAL A 226 30.97 11.34 3.80
CA VAL A 226 32.13 11.29 4.68
C VAL A 226 33.40 11.66 3.92
N HIS A 227 34.13 12.64 4.47
CA HIS A 227 35.39 13.08 3.90
C HIS A 227 36.48 13.06 4.97
N VAL A 228 37.50 12.26 4.74
CA VAL A 228 38.62 12.14 5.67
C VAL A 228 39.90 12.65 5.03
N THR A 229 40.55 13.60 5.69
CA THR A 229 41.86 14.05 5.26
C THR A 229 42.89 13.57 6.27
N ASN A 230 43.63 12.53 5.91
CA ASN A 230 44.60 11.93 6.81
C ASN A 230 46.03 12.38 6.49
N ASN A 231 46.47 13.44 7.16
CA ASN A 231 47.82 13.95 6.97
C ASN A 231 48.78 13.40 8.02
N THR A 232 48.33 12.44 8.81
CA THR A 232 49.15 11.89 9.89
C THR A 232 49.95 10.67 9.44
N ASN A 233 50.69 10.09 10.38
CA ASN A 233 51.47 8.89 10.11
C ASN A 233 50.65 7.64 10.36
N LYS A 234 49.55 7.79 11.08
CA LYS A 234 48.70 6.67 11.45
C LYS A 234 47.79 6.26 10.30
N THR A 235 47.05 5.17 10.50
CA THR A 235 46.20 4.62 9.45
C THR A 235 44.77 4.40 9.95
N VAL A 236 43.80 4.86 9.17
CA VAL A 236 42.40 4.56 9.47
C VAL A 236 42.11 3.14 8.99
N LYS A 237 41.82 2.25 9.93
CA LYS A 237 41.66 0.83 9.63
C LYS A 237 40.23 0.50 9.26
N LYS A 238 39.29 1.25 9.81
CA LYS A 238 37.88 0.93 9.65
C LYS A 238 37.00 2.16 9.89
N ILE A 239 35.90 2.23 9.15
CA ILE A 239 34.95 3.32 9.33
C ILE A 239 33.59 2.77 9.76
N LYS A 240 33.16 3.16 10.95
CA LYS A 240 31.88 2.71 11.49
C LYS A 240 30.85 3.83 11.46
N ILE A 241 29.77 3.60 10.71
CA ILE A 241 28.66 4.55 10.65
C ILE A 241 27.49 3.97 11.41
N SER A 242 26.78 4.79 12.17
CA SER A 242 25.65 4.27 12.91
C SER A 242 24.55 5.30 13.15
N VAL A 243 23.31 4.87 12.98
CA VAL A 243 22.17 5.66 13.41
C VAL A 243 21.77 5.22 14.81
N ARG A 244 21.86 6.17 15.73
CA ARG A 244 21.61 5.94 17.15
C ARG A 244 20.39 6.69 17.65
N GLN A 245 19.56 5.98 18.39
CA GLN A 245 18.40 6.57 19.06
C GLN A 245 18.77 7.00 20.49
N TYR A 246 18.64 8.29 20.75
CA TYR A 246 18.84 8.85 22.07
C TYR A 246 17.48 8.98 22.76
N ALA A 247 17.37 8.39 23.94
CA ALA A 247 16.12 8.46 24.70
C ALA A 247 16.38 9.01 26.09
N ASP A 248 15.72 10.11 26.42
CA ASP A 248 15.79 10.68 27.75
C ASP A 248 14.48 10.40 28.47
N ILE A 249 14.56 9.64 29.56
CA ILE A 249 13.38 9.25 30.31
C ILE A 249 13.42 9.85 31.70
N CYS A 250 12.56 11.01 31.80
CA CYS A 250 12.48 11.80 33.01
C CYS A 250 11.17 11.54 33.73
N LEU A 251 11.22 10.67 34.75
CA LEU A 251 10.03 10.26 35.48
C LEU A 251 9.92 10.24 37.00
N PHE A 252 10.47 9.20 37.60
CA PHE A 252 10.55 9.09 39.05
C PHE A 252 11.95 9.65 39.26
N ASN A 253 12.93 8.92 38.75
CA ASN A 253 14.28 9.43 38.57
C ASN A 253 14.51 9.59 37.09
N THR A 254 15.73 9.92 36.69
CA THR A 254 16.01 10.10 35.27
C THR A 254 16.93 9.02 34.72
N ALA A 255 16.57 8.46 33.57
CA ALA A 255 17.40 7.49 32.89
C ALA A 255 17.63 7.93 31.45
N GLN A 256 18.65 7.42 30.85
CA GLN A 256 18.99 7.75 29.47
C GLN A 256 19.70 6.58 28.79
N TYR A 257 19.52 6.45 27.48
CA TYR A 257 20.28 5.48 26.71
C TYR A 257 20.52 5.93 25.28
N LYS A 258 21.57 5.38 24.68
CA LYS A 258 21.87 5.57 23.26
C LYS A 258 21.85 4.19 22.61
N CYS A 259 20.87 3.94 21.77
CA CYS A 259 20.77 2.64 21.12
C CYS A 259 20.89 2.74 19.61
N PRO A 260 21.90 2.07 19.05
CA PRO A 260 22.09 2.04 17.59
C PRO A 260 20.94 1.31 16.92
N VAL A 261 20.23 2.00 16.04
CA VAL A 261 19.12 1.37 15.33
C VAL A 261 19.52 1.04 13.89
N ALA A 262 20.64 1.59 13.45
CA ALA A 262 21.22 1.14 12.18
C ALA A 262 22.74 1.27 12.23
N MET A 263 23.44 0.49 11.41
CA MET A 263 24.90 0.59 11.37
C MET A 263 25.53 -0.08 10.17
N GLU A 264 26.71 0.39 9.81
CA GLU A 264 27.53 -0.22 8.78
C GLU A 264 28.99 -0.10 9.17
N GLU A 265 29.71 -1.22 9.09
CA GLU A 265 31.14 -1.22 9.36
C GLU A 265 31.93 -1.42 8.07
N ALA A 266 32.30 -0.32 7.45
CA ALA A 266 33.10 -0.35 6.22
C ALA A 266 34.57 -0.63 6.52
N ASP A 267 35.14 -1.57 5.79
CA ASP A 267 36.58 -1.84 5.87
C ASP A 267 37.36 -0.86 5.00
N ASP A 268 36.79 0.33 4.81
CA ASP A 268 37.43 1.39 4.06
C ASP A 268 38.63 1.93 4.82
N THR A 269 39.78 1.93 4.15
CA THR A 269 41.03 2.32 4.76
C THR A 269 41.52 3.65 4.24
N VAL A 270 42.01 4.50 5.14
CA VAL A 270 42.63 5.76 4.73
C VAL A 270 44.12 5.72 5.08
N ALA A 271 44.94 5.58 4.04
CA ALA A 271 46.39 5.52 4.19
C ALA A 271 46.95 6.83 4.73
N PRO A 272 48.17 6.80 5.27
CA PRO A 272 48.79 8.06 5.72
C PRO A 272 49.06 8.99 4.54
N SER A 273 48.92 10.29 4.76
CA SER A 273 49.15 11.31 3.73
C SER A 273 48.26 11.09 2.50
N SER A 274 46.98 10.83 2.73
CA SER A 274 46.04 10.63 1.66
C SER A 274 44.64 11.04 2.10
N THR A 275 43.76 11.26 1.14
CA THR A 275 42.38 11.62 1.44
C THR A 275 41.44 10.50 1.05
N PHE A 276 40.24 10.53 1.60
CA PHE A 276 39.22 9.52 1.31
C PHE A 276 37.86 10.17 1.33
N CYS A 277 36.98 9.75 0.43
CA CYS A 277 35.64 10.35 0.36
C CYS A 277 34.62 9.31 -0.09
N LYS A 278 33.58 9.12 0.71
CA LYS A 278 32.57 8.13 0.37
C LYS A 278 31.21 8.47 0.95
N VAL A 279 30.15 8.07 0.24
CA VAL A 279 28.79 8.25 0.72
C VAL A 279 28.24 6.92 1.23
N TYR A 280 27.86 6.90 2.50
CA TYR A 280 27.26 5.70 3.09
C TYR A 280 25.76 5.88 3.23
N THR A 281 24.99 4.83 2.99
CA THR A 281 23.54 4.97 3.05
C THR A 281 22.90 3.99 4.02
N LEU A 282 22.25 4.53 5.06
CA LEU A 282 21.67 3.69 6.10
C LEU A 282 20.17 3.94 6.25
N THR A 283 19.41 2.87 6.47
CA THR A 283 17.98 3.02 6.70
C THR A 283 17.56 2.33 8.00
N PRO A 284 17.11 3.13 8.96
CA PRO A 284 16.62 2.60 10.24
C PRO A 284 15.25 1.96 10.06
N PHE A 285 15.12 0.69 10.46
CA PHE A 285 13.83 0.03 10.44
C PHE A 285 13.72 -0.94 11.61
N LEU A 286 12.51 -1.45 11.87
CA LEU A 286 12.26 -2.22 13.08
C LEU A 286 12.62 -3.70 12.98
N ALA A 287 12.51 -4.26 11.78
CA ALA A 287 12.66 -5.70 11.58
C ALA A 287 13.96 -6.27 12.12
N ASN A 288 15.03 -5.49 12.05
CA ASN A 288 16.33 -5.93 12.55
C ASN A 288 16.68 -5.32 13.92
N ASN A 289 15.66 -4.93 14.66
CA ASN A 289 15.82 -4.34 15.99
C ASN A 289 14.81 -4.88 17.00
N ARG A 290 14.22 -6.04 16.69
CA ARG A 290 13.15 -6.58 17.52
C ARG A 290 13.66 -7.17 18.84
N GLU A 291 14.95 -7.49 18.89
CA GLU A 291 15.55 -8.09 20.08
C GLU A 291 15.91 -7.03 21.13
N LYS A 292 15.83 -5.77 20.74
CA LYS A 292 16.25 -4.68 21.62
C LYS A 292 15.11 -4.17 22.50
N ARG A 293 14.86 -4.88 23.60
CA ARG A 293 13.80 -4.50 24.52
C ARG A 293 14.05 -3.12 25.12
N GLY A 294 13.00 -2.32 25.23
CA GLY A 294 13.10 -1.00 25.80
C GLY A 294 13.25 0.09 24.75
N LEU A 295 13.49 -0.32 23.51
CA LEU A 295 13.65 0.61 22.40
C LEU A 295 12.39 1.45 22.21
N ALA A 296 12.57 2.73 21.93
CA ALA A 296 11.45 3.66 21.83
C ALA A 296 10.72 3.52 20.51
N LEU A 297 9.40 3.34 20.59
CA LEU A 297 8.54 3.21 19.42
C LEU A 297 7.40 4.21 19.57
N ASP A 298 6.79 4.59 18.45
CA ASP A 298 5.63 5.46 18.51
C ASP A 298 4.49 4.75 19.23
N GLY A 299 3.69 5.54 19.96
CA GLY A 299 2.67 5.01 20.85
C GLY A 299 1.72 4.02 20.21
N LYS A 300 1.40 2.96 20.93
CA LYS A 300 0.49 1.93 20.44
C LYS A 300 -0.90 2.10 21.00
N LEU A 301 -1.91 1.79 20.20
CA LEU A 301 -3.28 1.73 20.69
C LEU A 301 -3.46 0.47 21.52
N LYS A 302 -3.06 -0.66 20.96
CA LYS A 302 -3.06 -1.93 21.67
C LYS A 302 -1.80 -2.76 21.76
N HIS A 303 -1.51 -3.50 20.69
CA HIS A 303 -0.26 -4.27 20.63
C HIS A 303 0.14 -4.31 19.16
N GLU A 304 -0.51 -3.49 18.34
CA GLU A 304 -0.19 -3.43 16.92
C GLU A 304 1.20 -2.83 16.72
N ASP A 305 1.84 -3.23 15.63
CA ASP A 305 3.18 -2.73 15.31
C ASP A 305 3.20 -1.22 15.08
N THR A 306 4.23 -0.58 15.61
CA THR A 306 4.47 0.84 15.34
C THR A 306 5.94 1.07 15.06
N ASN A 307 6.25 2.11 14.30
CA ASN A 307 7.61 2.39 13.89
C ASN A 307 8.52 2.82 15.04
N LEU A 308 9.81 2.95 14.74
CA LEU A 308 10.76 3.54 15.68
C LEU A 308 10.24 4.92 16.07
N ALA A 309 10.27 5.23 17.36
CA ALA A 309 9.67 6.47 17.86
C ALA A 309 10.15 7.69 17.12
N SER A 310 9.22 8.56 16.77
CA SER A 310 9.54 9.81 16.10
C SER A 310 10.27 10.77 17.04
N SER A 311 11.09 11.64 16.48
CA SER A 311 11.77 12.67 17.25
C SER A 311 10.77 13.53 18.01
N THR A 312 11.10 13.88 19.25
CA THR A 312 10.28 14.79 20.02
C THR A 312 10.65 16.23 19.70
N LEU A 313 9.64 17.04 19.37
CA LEU A 313 9.86 18.45 19.12
C LEU A 313 9.57 19.26 20.37
N LEU A 314 10.58 19.95 20.88
CA LEU A 314 10.43 20.77 22.09
C LEU A 314 10.25 22.24 21.73
N ARG A 315 9.95 23.05 22.75
CA ARG A 315 9.74 24.48 22.56
C ARG A 315 10.84 25.32 23.19
N GLU A 316 11.15 26.45 22.57
CA GLU A 316 12.11 27.41 23.09
C GLU A 316 13.46 26.80 23.43
N ARG A 320 12.31 23.24 30.32
CA ARG A 320 13.22 22.46 31.15
C ARG A 320 12.99 20.96 30.96
N GLU A 321 13.15 20.20 32.03
CA GLU A 321 12.94 18.75 31.99
C GLU A 321 11.46 18.44 31.79
N ILE A 322 11.18 17.50 30.89
CA ILE A 322 9.82 17.07 30.61
C ILE A 322 9.62 15.62 31.04
N LEU A 323 8.47 15.36 31.67
CA LEU A 323 8.10 14.01 32.06
C LEU A 323 8.09 13.10 30.84
N GLY A 324 8.02 11.78 31.06
CA GLY A 324 7.91 10.86 29.95
C GLY A 324 9.20 10.64 29.19
N ILE A 325 9.05 10.18 27.95
CA ILE A 325 10.17 9.77 27.11
C ILE A 325 10.38 10.75 25.97
N ILE A 326 11.58 11.33 25.91
CA ILE A 326 11.93 12.28 24.87
C ILE A 326 12.92 11.63 23.93
N VAL A 327 12.55 11.55 22.66
CA VAL A 327 13.33 10.82 21.66
C VAL A 327 14.06 11.77 20.72
N SER A 328 15.27 11.40 20.33
CA SER A 328 16.01 12.12 19.31
C SER A 328 16.93 11.15 18.59
N TYR A 329 17.48 11.56 17.46
CA TYR A 329 18.35 10.67 16.71
C TYR A 329 19.63 11.37 16.26
N LYS A 330 20.74 10.63 16.29
CA LYS A 330 21.99 11.15 15.78
C LYS A 330 22.73 10.10 14.95
N VAL A 331 23.41 10.55 13.91
CA VAL A 331 24.30 9.69 13.16
C VAL A 331 25.72 9.88 13.67
N LYS A 332 26.35 8.79 14.06
CA LYS A 332 27.74 8.81 14.49
C LYS A 332 28.64 8.25 13.39
N VAL A 333 29.67 9.01 13.05
CA VAL A 333 30.70 8.53 12.14
C VAL A 333 32.00 8.39 12.90
N LYS A 334 32.50 7.16 13.00
CA LYS A 334 33.70 6.89 13.78
C LYS A 334 34.82 6.28 12.95
N LEU A 335 35.98 6.93 12.97
CA LEU A 335 37.19 6.41 12.38
C LEU A 335 38.00 5.64 13.42
N VAL A 336 38.20 4.36 13.16
CA VAL A 336 39.06 3.54 13.99
C VAL A 336 40.50 3.68 13.50
N VAL A 337 41.36 4.24 14.34
CA VAL A 337 42.71 4.57 13.94
C VAL A 337 43.73 3.65 14.59
N SER A 338 44.73 3.24 13.81
CA SER A 338 45.80 2.39 14.32
C SER A 338 46.53 3.08 15.46
N ARG A 339 47.16 2.28 16.33
CA ARG A 339 47.89 2.83 17.45
C ARG A 339 49.39 2.58 17.31
N GLY A 340 49.96 1.89 18.29
CA GLY A 340 51.38 1.62 18.28
C GLY A 340 52.19 2.90 18.42
N GLY A 341 53.47 2.82 18.10
CA GLY A 341 54.34 3.96 18.23
C GLY A 341 54.77 4.19 19.67
N LEU A 342 54.96 5.45 20.03
CA LEU A 342 55.51 5.82 21.33
C LEU A 342 54.69 5.29 22.51
N LEU A 343 53.38 5.51 22.47
CA LEU A 343 52.53 5.14 23.59
C LEU A 343 51.88 3.77 23.40
N GLY A 344 52.36 3.04 22.40
CA GLY A 344 51.85 1.71 22.09
C GLY A 344 50.35 1.70 21.86
N ASP A 345 49.66 0.83 22.60
CA ASP A 345 48.22 0.69 22.47
C ASP A 345 47.49 1.27 23.68
N LEU A 346 48.21 2.05 24.48
CA LEU A 346 47.64 2.62 25.70
C LEU A 346 46.70 3.78 25.41
N ALA A 347 47.11 4.63 24.48
CA ALA A 347 46.32 5.81 24.12
C ALA A 347 45.50 5.58 22.87
N SER A 348 44.20 5.85 22.96
CA SER A 348 43.32 5.73 21.81
C SER A 348 43.59 6.86 20.82
N SER A 349 43.39 6.56 19.53
CA SER A 349 43.61 7.55 18.49
C SER A 349 42.36 7.69 17.62
N ASP A 350 41.28 7.06 18.04
CA ASP A 350 40.03 7.08 17.28
C ASP A 350 39.46 8.48 17.13
N VAL A 351 38.71 8.70 16.06
CA VAL A 351 38.17 10.03 15.81
C VAL A 351 36.72 9.94 15.37
N ALA A 352 35.82 10.53 16.15
CA ALA A 352 34.39 10.42 15.85
C ALA A 352 33.70 11.77 15.67
N VAL A 353 32.50 11.73 15.08
CA VAL A 353 31.71 12.93 14.88
C VAL A 353 30.23 12.58 14.93
N GLU A 354 29.40 13.54 15.35
CA GLU A 354 27.97 13.29 15.49
C GLU A 354 27.08 14.32 14.79
N LEU A 355 26.00 13.81 14.19
CA LEU A 355 25.11 14.60 13.34
C LEU A 355 23.66 14.37 13.71
N PRO A 356 23.08 15.29 14.50
CA PRO A 356 21.69 15.16 14.93
C PRO A 356 20.75 15.34 13.75
N PHE A 357 19.64 14.60 13.75
CA PHE A 357 18.65 14.80 12.72
C PHE A 357 17.25 14.51 13.21
N THR A 358 16.26 14.83 12.38
CA THR A 358 14.86 14.66 12.76
C THR A 358 14.24 13.49 12.02
N LEU A 359 13.62 12.58 12.77
CA LEU A 359 12.98 11.41 12.19
C LEU A 359 11.50 11.41 12.56
N MET A 360 10.65 11.83 11.62
CA MET A 360 9.22 11.98 11.90
C MET A 360 8.35 11.61 10.71
N HIS A 361 7.04 11.50 10.94
CA HIS A 361 6.07 11.30 9.87
C HIS A 361 5.71 12.65 9.26
N PRO A 362 5.52 12.68 7.93
CA PRO A 362 5.02 13.89 7.26
C PRO A 362 3.64 14.23 7.80
N LYS A 363 3.30 15.52 7.85
CA LYS A 363 1.96 15.92 8.26
C LYS A 363 0.94 15.32 7.30
N PRO A 364 -0.03 14.57 7.84
CA PRO A 364 -1.08 13.92 7.04
C PRO A 364 -1.86 14.91 6.21
N LYS A 365 -1.77 14.77 4.89
CA LYS A 365 -2.51 15.65 3.98
C LYS A 365 -3.98 15.28 3.96
N GLU A 366 -4.29 14.08 4.45
CA GLU A 366 -5.66 13.58 4.46
C GLU A 366 -6.23 13.11 5.80
N GLU A 367 -5.89 11.88 6.18
CA GLU A 367 -6.52 11.23 7.33
C GLU A 367 -5.48 10.68 8.30
N PRO A 368 -5.82 10.60 9.60
CA PRO A 368 -4.98 9.98 10.62
C PRO A 368 -4.86 8.46 10.41
N PRO A 369 -3.82 7.83 10.99
CA PRO A 369 -3.60 6.38 10.86
C PRO A 369 -4.80 5.55 11.29
N VAL B 5 10.32 6.70 -11.40
CA VAL B 5 9.41 5.85 -10.62
C VAL B 5 8.79 4.76 -11.49
N GLN B 6 9.09 3.50 -11.18
CA GLN B 6 8.63 2.40 -12.00
C GLN B 6 8.71 1.03 -11.30
N LEU B 7 7.65 0.26 -11.43
CA LEU B 7 7.63 -1.14 -11.02
C LEU B 7 7.65 -2.03 -12.25
N VAL B 8 8.60 -2.94 -12.33
CA VAL B 8 8.70 -3.82 -13.50
C VAL B 8 8.77 -5.30 -13.12
N GLU B 9 7.82 -6.07 -13.63
CA GLU B 9 7.79 -7.51 -13.36
C GLU B 9 8.65 -8.29 -14.37
N SER B 10 8.97 -9.52 -14.01
CA SER B 10 9.73 -10.42 -14.90
C SER B 10 9.68 -11.85 -14.38
N GLY B 11 10.07 -12.79 -15.22
CA GLY B 11 10.14 -14.19 -14.82
C GLY B 11 8.86 -14.96 -15.00
N GLY B 12 8.05 -14.54 -15.97
CA GLY B 12 6.81 -15.23 -16.28
C GLY B 12 6.98 -16.19 -17.44
N GLY B 13 5.97 -17.03 -17.67
CA GLY B 13 6.01 -17.96 -18.78
C GLY B 13 5.20 -19.22 -18.54
N LEU B 14 5.49 -20.26 -19.31
CA LEU B 14 4.78 -21.52 -19.23
C LEU B 14 5.47 -22.48 -18.28
N VAL B 15 4.67 -23.29 -17.58
CA VAL B 15 5.19 -24.30 -16.66
C VAL B 15 4.17 -25.43 -16.49
N GLN B 16 4.66 -26.66 -16.39
CA GLN B 16 3.79 -27.82 -16.21
C GLN B 16 3.25 -27.83 -14.78
N PRO B 17 2.03 -28.38 -14.60
CA PRO B 17 1.42 -28.43 -13.25
C PRO B 17 2.28 -29.19 -12.25
N GLY B 18 2.40 -28.63 -11.05
CA GLY B 18 3.26 -29.20 -10.02
C GLY B 18 4.66 -28.64 -10.12
N GLY B 19 4.86 -27.74 -11.07
CA GLY B 19 6.16 -27.11 -11.29
C GLY B 19 6.30 -25.81 -10.53
N SER B 20 7.39 -25.10 -10.82
CA SER B 20 7.68 -23.86 -10.09
C SER B 20 8.13 -22.71 -10.99
N LEU B 21 7.85 -21.50 -10.56
CA LEU B 21 8.34 -20.30 -11.25
C LEU B 21 8.74 -19.26 -10.21
N ARG B 22 9.62 -18.33 -10.60
CA ARG B 22 10.03 -17.26 -9.70
C ARG B 22 9.81 -15.89 -10.35
N LEU B 23 8.92 -15.11 -9.75
CA LEU B 23 8.62 -13.79 -10.28
C LEU B 23 9.50 -12.72 -9.64
N SER B 24 9.97 -11.77 -10.45
CA SER B 24 10.77 -10.66 -9.94
C SER B 24 10.04 -9.35 -10.16
N CYS B 25 10.19 -8.44 -9.21
CA CYS B 25 9.60 -7.11 -9.31
C CYS B 25 10.65 -6.07 -8.96
N ALA B 26 11.28 -5.51 -9.98
CA ALA B 26 12.25 -4.45 -9.78
C ALA B 26 11.54 -3.12 -9.54
N ALA B 27 11.79 -2.53 -8.38
CA ALA B 27 11.19 -1.25 -8.03
C ALA B 27 12.20 -0.13 -8.28
N SER B 28 11.68 1.06 -8.56
CA SER B 28 12.54 2.22 -8.78
C SER B 28 11.78 3.49 -8.46
N GLY B 29 12.49 4.47 -7.92
CA GLY B 29 11.90 5.76 -7.63
C GLY B 29 11.45 5.94 -6.20
N PHE B 30 11.26 4.82 -5.50
CA PHE B 30 10.85 4.88 -4.10
C PHE B 30 11.68 3.98 -3.18
N ASN B 31 11.32 3.97 -1.91
CA ASN B 31 12.11 3.28 -0.89
C ASN B 31 11.40 2.04 -0.36
N VAL B 32 12.15 0.93 -0.28
CA VAL B 32 11.58 -0.36 0.10
C VAL B 32 11.12 -0.44 1.55
N TYR B 33 11.74 0.36 2.41
CA TYR B 33 11.40 0.33 3.83
C TYR B 33 10.27 1.31 4.18
N SER B 34 9.85 2.09 3.19
CA SER B 34 8.72 3.00 3.36
C SER B 34 7.57 2.57 2.45
N SER B 35 7.74 1.44 1.79
CA SER B 35 6.69 0.90 0.93
C SER B 35 6.46 -0.57 1.24
N SER B 36 5.21 -1.00 1.17
CA SER B 36 4.89 -2.41 1.27
C SER B 36 4.63 -2.92 -0.14
N ILE B 37 5.10 -4.12 -0.45
CA ILE B 37 5.01 -4.63 -1.82
C ILE B 37 4.06 -5.82 -1.94
N HIS B 38 3.24 -5.84 -2.98
CA HIS B 38 2.18 -6.85 -3.09
C HIS B 38 2.17 -7.53 -4.45
N TRP B 39 1.64 -8.75 -4.46
CA TRP B 39 1.36 -9.46 -5.70
C TRP B 39 -0.13 -9.74 -5.77
N VAL B 40 -0.73 -9.28 -6.87
CA VAL B 40 -2.15 -9.44 -7.12
C VAL B 40 -2.34 -10.03 -8.51
N ARG B 41 -3.04 -11.16 -8.61
CA ARG B 41 -3.19 -11.83 -9.90
C ARG B 41 -4.58 -11.66 -10.48
N GLN B 42 -4.68 -11.79 -11.80
CA GLN B 42 -5.96 -11.70 -12.48
C GLN B 42 -6.07 -12.75 -13.57
N ALA B 43 -6.93 -13.74 -13.36
CA ALA B 43 -7.15 -14.81 -14.32
C ALA B 43 -7.71 -14.22 -15.62
N PRO B 44 -7.40 -14.87 -16.76
CA PRO B 44 -7.90 -14.40 -18.07
C PRO B 44 -9.41 -14.24 -17.98
N GLY B 45 -9.87 -13.00 -18.09
CA GLY B 45 -11.30 -12.70 -18.10
C GLY B 45 -11.97 -12.62 -16.73
N LYS B 46 -11.19 -12.73 -15.67
CA LYS B 46 -11.74 -12.70 -14.32
C LYS B 46 -11.39 -11.41 -13.59
N GLY B 47 -11.67 -11.37 -12.29
CA GLY B 47 -11.43 -10.17 -11.50
C GLY B 47 -10.08 -10.15 -10.81
N LEU B 48 -9.89 -9.18 -9.94
CA LEU B 48 -8.63 -9.02 -9.22
C LEU B 48 -8.57 -9.91 -7.98
N GLU B 49 -7.43 -10.58 -7.80
CA GLU B 49 -7.23 -11.45 -6.65
C GLU B 49 -5.88 -11.20 -5.99
N TRP B 50 -5.89 -10.76 -4.74
CA TRP B 50 -4.65 -10.59 -4.00
C TRP B 50 -4.04 -11.93 -3.66
N VAL B 51 -2.72 -12.05 -3.79
CA VAL B 51 -2.05 -13.29 -3.45
C VAL B 51 -0.97 -13.12 -2.38
N ALA B 52 -0.24 -12.01 -2.39
CA ALA B 52 0.87 -11.88 -1.46
C ALA B 52 1.22 -10.44 -1.05
N SER B 53 1.85 -10.31 0.11
CA SER B 53 2.32 -9.01 0.58
C SER B 53 3.55 -9.12 1.47
N ILE B 54 4.45 -8.15 1.35
CA ILE B 54 5.64 -8.11 2.18
C ILE B 54 5.91 -6.69 2.68
N SER B 55 6.21 -6.59 3.97
CA SER B 55 6.64 -5.34 4.57
C SER B 55 8.06 -5.53 5.09
N SER B 56 9.03 -5.02 4.34
CA SER B 56 10.43 -5.13 4.73
C SER B 56 10.73 -4.38 6.02
N TYR B 57 9.96 -3.33 6.31
CA TYR B 57 10.17 -2.54 7.52
C TYR B 57 9.94 -3.38 8.77
N TYR B 58 8.88 -4.18 8.74
CA TYR B 58 8.52 -5.01 9.88
C TYR B 58 8.93 -6.49 9.69
N GLY B 59 9.43 -6.81 8.51
CA GLY B 59 9.86 -8.16 8.21
C GLY B 59 8.76 -9.20 8.24
N TYR B 60 7.57 -8.84 7.77
CA TYR B 60 6.43 -9.74 7.78
C TYR B 60 5.88 -10.03 6.39
N THR B 61 5.40 -11.26 6.19
CA THR B 61 4.82 -11.67 4.93
C THR B 61 3.39 -12.17 5.12
N TYR B 62 2.55 -11.91 4.13
CA TYR B 62 1.14 -12.29 4.18
C TYR B 62 0.74 -12.99 2.89
N TYR B 63 -0.08 -14.03 3.01
CA TYR B 63 -0.49 -14.82 1.86
C TYR B 63 -1.99 -15.09 1.87
N ALA B 64 -2.56 -15.28 0.68
CA ALA B 64 -3.94 -15.72 0.55
C ALA B 64 -3.99 -17.21 0.90
N ASP B 65 -5.15 -17.67 1.35
CA ASP B 65 -5.30 -19.06 1.78
C ASP B 65 -5.06 -20.07 0.66
N SER B 66 -5.32 -19.65 -0.57
CA SER B 66 -5.17 -20.54 -1.72
C SER B 66 -3.71 -20.81 -2.07
N VAL B 67 -2.81 -19.95 -1.60
CA VAL B 67 -1.40 -20.05 -1.98
C VAL B 67 -0.49 -20.36 -0.80
N LYS B 68 -1.06 -20.48 0.39
CA LYS B 68 -0.29 -20.82 1.58
C LYS B 68 0.37 -22.18 1.45
N GLY B 69 1.68 -22.22 1.67
CA GLY B 69 2.43 -23.47 1.59
C GLY B 69 3.03 -23.69 0.22
N ARG B 70 2.55 -22.92 -0.76
CA ARG B 70 3.01 -23.08 -2.13
C ARG B 70 3.74 -21.83 -2.61
N PHE B 71 3.26 -20.66 -2.17
CA PHE B 71 3.86 -19.40 -2.57
C PHE B 71 4.68 -18.81 -1.42
N THR B 72 5.80 -18.19 -1.77
CA THR B 72 6.63 -17.50 -0.79
C THR B 72 7.12 -16.17 -1.34
N ILE B 73 6.72 -15.08 -0.69
CA ILE B 73 7.14 -13.75 -1.11
C ILE B 73 8.38 -13.30 -0.34
N SER B 74 9.34 -12.70 -1.03
CA SER B 74 10.57 -12.26 -0.40
C SER B 74 11.05 -10.95 -1.00
N ALA B 75 12.18 -10.45 -0.52
CA ALA B 75 12.71 -9.19 -1.02
C ALA B 75 14.21 -9.02 -0.81
N ASP B 76 14.88 -8.51 -1.84
CA ASP B 76 16.26 -8.03 -1.73
C ASP B 76 16.18 -6.51 -1.71
N THR B 77 16.32 -5.93 -0.52
CA THR B 77 16.20 -4.49 -0.38
C THR B 77 17.40 -3.76 -0.96
N SER B 78 18.55 -4.43 -0.98
CA SER B 78 19.76 -3.83 -1.53
C SER B 78 19.63 -3.67 -3.05
N LYS B 79 18.93 -4.60 -3.68
CA LYS B 79 18.67 -4.52 -5.11
C LYS B 79 17.32 -3.86 -5.36
N ASN B 80 16.64 -3.50 -4.28
CA ASN B 80 15.34 -2.84 -4.35
C ASN B 80 14.35 -3.64 -5.19
N THR B 81 14.27 -4.93 -4.91
CA THR B 81 13.50 -5.85 -5.74
C THR B 81 12.75 -6.88 -4.91
N ALA B 82 11.49 -7.12 -5.26
CA ALA B 82 10.71 -8.15 -4.58
C ALA B 82 10.65 -9.43 -5.41
N TYR B 83 10.33 -10.55 -4.76
CA TYR B 83 10.26 -11.84 -5.44
C TYR B 83 9.04 -12.63 -5.00
N LEU B 84 8.54 -13.46 -5.91
CA LEU B 84 7.42 -14.35 -5.61
C LEU B 84 7.74 -15.77 -6.09
N GLN B 85 8.08 -16.64 -5.15
CA GLN B 85 8.33 -18.04 -5.44
C GLN B 85 6.99 -18.78 -5.52
N MET B 86 6.77 -19.47 -6.64
CA MET B 86 5.51 -20.17 -6.89
C MET B 86 5.75 -21.65 -7.14
N ASN B 87 5.48 -22.46 -6.12
CA ASN B 87 5.65 -23.91 -6.21
C ASN B 87 4.29 -24.61 -6.34
N SER B 88 4.34 -25.88 -6.73
CA SER B 88 3.14 -26.73 -6.83
C SER B 88 2.04 -26.08 -7.65
N LEU B 89 2.42 -25.48 -8.77
CA LEU B 89 1.50 -24.71 -9.58
C LEU B 89 0.37 -25.55 -10.19
N ARG B 90 -0.84 -25.02 -10.14
CA ARG B 90 -2.00 -25.66 -10.73
C ARG B 90 -2.58 -24.77 -11.82
N ALA B 91 -3.51 -25.31 -12.60
CA ALA B 91 -4.12 -24.57 -13.71
C ALA B 91 -4.89 -23.34 -13.23
N GLU B 92 -5.41 -23.40 -12.00
CA GLU B 92 -6.15 -22.29 -11.44
C GLU B 92 -5.23 -21.12 -11.09
N ASP B 93 -3.93 -21.39 -11.03
CA ASP B 93 -2.94 -20.36 -10.75
C ASP B 93 -2.60 -19.56 -12.00
N THR B 94 -3.17 -19.97 -13.13
CA THR B 94 -2.96 -19.27 -14.39
C THR B 94 -3.59 -17.90 -14.35
N ALA B 95 -2.77 -16.87 -14.51
CA ALA B 95 -3.25 -15.49 -14.43
C ALA B 95 -2.17 -14.51 -14.87
N VAL B 96 -2.55 -13.24 -14.97
CA VAL B 96 -1.58 -12.17 -15.11
C VAL B 96 -1.22 -11.68 -13.70
N TYR B 97 0.05 -11.81 -13.34
CA TYR B 97 0.50 -11.43 -12.01
C TYR B 97 1.05 -10.00 -11.99
N TYR B 98 0.35 -9.13 -11.28
CA TYR B 98 0.75 -7.75 -11.11
C TYR B 98 1.53 -7.55 -9.83
N CYS B 99 2.56 -6.71 -9.91
CA CYS B 99 3.27 -6.22 -8.75
C CYS B 99 2.70 -4.85 -8.41
N ALA B 100 2.35 -4.65 -7.14
CA ALA B 100 1.79 -3.36 -6.71
C ALA B 100 2.50 -2.84 -5.47
N ARG B 101 2.38 -1.54 -5.24
CA ARG B 101 3.04 -0.89 -4.13
C ARG B 101 2.05 -0.13 -3.27
N SER B 102 2.26 -0.11 -1.96
CA SER B 102 1.46 0.72 -1.08
C SER B 102 2.36 1.51 -0.12
N ARG B 103 1.84 2.63 0.37
CA ARG B 103 2.55 3.44 1.35
C ARG B 103 2.57 2.70 2.68
N GLN B 104 3.78 2.52 3.24
CA GLN B 104 3.92 1.79 4.50
C GLN B 104 3.28 2.54 5.66
N PHE B 105 3.47 3.85 5.68
CA PHE B 105 2.87 4.69 6.70
C PHE B 105 2.02 5.78 6.08
N TRP B 106 0.76 5.48 5.76
CA TRP B 106 0.18 4.16 5.98
C TRP B 106 -0.58 3.72 4.74
N TYR B 107 -1.00 2.45 4.72
CA TYR B 107 -1.69 1.85 3.59
C TYR B 107 -2.86 2.72 3.12
N SER B 108 -2.76 3.22 1.89
CA SER B 108 -3.78 4.08 1.32
C SER B 108 -4.14 3.61 -0.08
N GLY B 109 -4.30 2.29 -0.22
CA GLY B 109 -4.58 1.68 -1.51
C GLY B 109 -3.31 1.39 -2.27
N LEU B 110 -3.43 0.55 -3.31
CA LEU B 110 -2.30 0.26 -4.18
C LEU B 110 -2.18 1.37 -5.22
N ASP B 111 -1.23 2.27 -5.00
CA ASP B 111 -1.12 3.50 -5.79
C ASP B 111 -0.20 3.38 -7.00
N TYR B 112 0.56 2.28 -7.06
CA TYR B 112 1.43 2.02 -8.19
C TYR B 112 1.37 0.55 -8.58
N TRP B 113 1.24 0.29 -9.87
CA TRP B 113 1.14 -1.08 -10.37
C TRP B 113 2.15 -1.29 -11.49
N GLY B 114 2.67 -2.50 -11.60
CA GLY B 114 3.47 -2.89 -12.74
C GLY B 114 2.52 -3.37 -13.83
N GLN B 115 3.02 -3.50 -15.05
CA GLN B 115 2.18 -3.94 -16.16
C GLN B 115 1.82 -5.42 -16.07
N GLY B 116 2.50 -6.14 -15.18
CA GLY B 116 2.17 -7.52 -14.92
C GLY B 116 2.90 -8.49 -15.84
N THR B 117 3.07 -9.72 -15.37
CA THR B 117 3.69 -10.76 -16.18
C THR B 117 2.75 -11.96 -16.30
N LEU B 118 2.75 -12.59 -17.48
CA LEU B 118 1.82 -13.67 -17.75
C LEU B 118 2.34 -15.02 -17.24
N VAL B 119 1.46 -15.76 -16.56
CA VAL B 119 1.81 -17.08 -16.05
C VAL B 119 0.79 -18.13 -16.51
N THR B 120 1.25 -19.11 -17.28
CA THR B 120 0.39 -20.17 -17.77
C THR B 120 0.80 -21.53 -17.19
N VAL B 121 -0.16 -22.23 -16.61
CA VAL B 121 0.11 -23.53 -16.00
C VAL B 121 -0.68 -24.64 -16.68
N SER B 122 -0.04 -25.31 -17.64
CA SER B 122 -0.66 -26.45 -18.32
C SER B 122 0.39 -27.49 -18.67
N SER B 123 -0.08 -28.68 -19.04
CA SER B 123 0.82 -29.74 -19.46
C SER B 123 1.06 -29.69 -20.97
N ALA B 124 0.50 -28.66 -21.61
CA ALA B 124 0.70 -28.46 -23.03
C ALA B 124 2.10 -27.91 -23.32
N SER B 125 2.59 -28.13 -24.53
CA SER B 125 3.93 -27.71 -24.91
C SER B 125 3.92 -26.34 -25.58
N THR B 126 5.11 -25.79 -25.79
CA THR B 126 5.26 -24.52 -26.51
C THR B 126 5.21 -24.78 -28.01
N LYS B 127 4.32 -24.08 -28.71
CA LYS B 127 4.16 -24.26 -30.14
C LYS B 127 4.17 -22.94 -30.89
N GLY B 128 4.85 -22.92 -32.03
CA GLY B 128 4.91 -21.74 -32.87
C GLY B 128 3.61 -21.55 -33.65
N PRO B 129 3.25 -20.29 -33.91
CA PRO B 129 2.01 -19.94 -34.60
C PRO B 129 2.10 -20.19 -36.10
N SER B 130 0.97 -20.59 -36.71
CA SER B 130 0.90 -20.80 -38.14
C SER B 130 0.10 -19.67 -38.78
N VAL B 131 0.70 -18.98 -39.75
CA VAL B 131 0.08 -17.82 -40.36
C VAL B 131 -0.50 -18.13 -41.74
N PHE B 132 -1.77 -17.75 -41.94
CA PHE B 132 -2.42 -17.94 -43.22
C PHE B 132 -3.03 -16.63 -43.72
N PRO B 133 -2.91 -16.36 -45.03
CA PRO B 133 -3.43 -15.12 -45.60
C PRO B 133 -4.95 -15.14 -45.77
N LEU B 134 -5.56 -13.97 -45.65
CA LEU B 134 -7.00 -13.83 -45.87
C LEU B 134 -7.26 -12.73 -46.90
N ALA B 135 -7.31 -13.13 -48.16
CA ALA B 135 -7.43 -12.19 -49.27
C ALA B 135 -8.85 -11.66 -49.44
N PRO B 136 -9.00 -10.43 -49.96
CA PRO B 136 -10.32 -9.83 -50.20
C PRO B 136 -11.15 -10.65 -51.18
N ALA B 146 -12.76 -2.42 -49.50
CA ALA B 146 -12.18 -3.76 -49.46
C ALA B 146 -11.45 -4.02 -48.15
N ALA B 147 -11.37 -5.29 -47.76
CA ALA B 147 -10.71 -5.66 -46.51
C ALA B 147 -9.92 -6.96 -46.66
N LEU B 148 -8.79 -7.03 -45.96
CA LEU B 148 -7.97 -8.24 -45.96
C LEU B 148 -7.42 -8.51 -44.56
N GLY B 149 -7.10 -9.76 -44.28
CA GLY B 149 -6.63 -10.11 -42.95
C GLY B 149 -5.54 -11.16 -42.89
N CYS B 150 -5.10 -11.46 -41.67
CA CYS B 150 -4.10 -12.50 -41.44
C CYS B 150 -4.52 -13.37 -40.26
N LEU B 151 -4.49 -14.69 -40.47
CA LEU B 151 -4.95 -15.64 -39.48
C LEU B 151 -3.77 -16.32 -38.76
N VAL B 152 -3.69 -16.12 -37.45
CA VAL B 152 -2.68 -16.75 -36.62
C VAL B 152 -3.29 -17.91 -35.85
N LYS B 153 -2.92 -19.14 -36.19
CA LYS B 153 -3.56 -20.32 -35.62
C LYS B 153 -2.60 -21.29 -34.94
N ASP B 154 -3.13 -22.00 -33.94
CA ASP B 154 -2.43 -23.11 -33.29
C ASP B 154 -1.09 -22.73 -32.65
N TYR B 155 -1.12 -21.86 -31.65
CA TYR B 155 0.09 -21.52 -30.91
C TYR B 155 -0.12 -21.64 -29.41
N PHE B 156 0.99 -21.69 -28.66
CA PHE B 156 0.94 -21.82 -27.21
C PHE B 156 2.29 -21.45 -26.60
N PRO B 157 2.28 -20.59 -25.57
CA PRO B 157 1.08 -19.95 -25.03
C PRO B 157 0.95 -18.51 -25.51
N GLU B 158 0.11 -17.74 -24.84
CA GLU B 158 -0.06 -16.31 -25.13
C GLU B 158 1.23 -15.56 -24.81
N PRO B 159 1.42 -14.37 -25.42
CA PRO B 159 0.58 -13.73 -26.42
C PRO B 159 1.23 -13.70 -27.80
N VAL B 160 0.61 -13.00 -28.73
CA VAL B 160 1.17 -12.80 -30.06
C VAL B 160 1.04 -11.34 -30.48
N THR B 161 2.17 -10.69 -30.75
CA THR B 161 2.18 -9.32 -31.21
C THR B 161 2.08 -9.27 -32.73
N VAL B 162 0.97 -8.74 -33.24
CA VAL B 162 0.75 -8.67 -34.68
C VAL B 162 0.74 -7.22 -35.17
N SER B 163 1.63 -6.93 -36.11
CA SER B 163 1.71 -5.59 -36.69
C SER B 163 1.41 -5.63 -38.19
N TRP B 164 1.35 -4.45 -38.80
CA TRP B 164 1.10 -4.36 -40.24
C TRP B 164 2.07 -3.40 -40.92
N ASN B 165 2.77 -3.92 -41.92
CA ASN B 165 3.77 -3.15 -42.67
C ASN B 165 4.84 -2.56 -41.74
N SER B 166 5.25 -3.34 -40.76
CA SER B 166 6.24 -2.93 -39.77
C SER B 166 5.80 -1.68 -39.00
N GLY B 167 4.55 -1.65 -38.58
CA GLY B 167 4.02 -0.56 -37.80
C GLY B 167 3.76 0.70 -38.61
N ALA B 168 3.55 0.53 -39.90
CA ALA B 168 3.29 1.66 -40.78
C ALA B 168 1.84 2.13 -40.68
N LEU B 169 0.97 1.29 -40.15
CA LEU B 169 -0.44 1.62 -40.07
C LEU B 169 -1.20 0.80 -39.01
N THR B 170 -1.54 1.44 -37.90
CA THR B 170 -2.48 0.87 -36.95
C THR B 170 -3.83 1.52 -37.18
N SER B 171 -3.89 2.37 -38.21
CA SER B 171 -5.11 3.05 -38.59
C SER B 171 -6.03 2.11 -39.36
N GLY B 172 -7.17 1.79 -38.76
CA GLY B 172 -8.13 0.89 -39.37
C GLY B 172 -7.73 -0.57 -39.24
N VAL B 173 -6.89 -0.85 -38.26
CA VAL B 173 -6.42 -2.21 -38.01
C VAL B 173 -7.06 -2.79 -36.75
N HIS B 174 -7.58 -4.02 -36.87
CA HIS B 174 -8.23 -4.69 -35.74
C HIS B 174 -7.65 -6.07 -35.47
N THR B 175 -6.86 -6.19 -34.41
CA THR B 175 -6.35 -7.48 -33.98
C THR B 175 -7.23 -8.05 -32.87
N PHE B 176 -7.82 -9.21 -33.13
CA PHE B 176 -8.80 -9.80 -32.22
C PHE B 176 -8.17 -10.59 -31.08
N PRO B 177 -8.82 -10.59 -29.91
CA PRO B 177 -8.38 -11.40 -28.77
C PRO B 177 -8.37 -12.88 -29.15
N ALA B 178 -7.34 -13.60 -28.70
CA ALA B 178 -7.22 -15.02 -29.01
C ALA B 178 -8.36 -15.81 -28.38
N VAL B 179 -8.58 -17.01 -28.88
CA VAL B 179 -9.57 -17.91 -28.32
C VAL B 179 -8.97 -19.30 -28.10
N LEU B 180 -9.36 -19.95 -27.01
CA LEU B 180 -8.84 -21.28 -26.71
C LEU B 180 -9.61 -22.34 -27.49
N GLN B 181 -8.95 -22.93 -28.48
CA GLN B 181 -9.56 -23.98 -29.28
C GLN B 181 -9.72 -25.25 -28.46
N SER B 182 -10.46 -26.21 -28.99
CA SER B 182 -10.67 -27.49 -28.31
C SER B 182 -9.37 -28.29 -28.30
N SER B 183 -8.44 -27.92 -29.17
CA SER B 183 -7.14 -28.57 -29.25
C SER B 183 -6.21 -28.10 -28.13
N GLY B 184 -6.65 -27.09 -27.39
CA GLY B 184 -5.86 -26.54 -26.31
C GLY B 184 -4.90 -25.46 -26.79
N LEU B 185 -4.86 -25.27 -28.11
CA LEU B 185 -4.01 -24.24 -28.71
C LEU B 185 -4.82 -22.96 -28.92
N TYR B 186 -4.13 -21.83 -28.99
CA TYR B 186 -4.79 -20.55 -29.18
C TYR B 186 -4.78 -20.10 -30.63
N SER B 187 -5.65 -19.14 -30.95
CA SER B 187 -5.78 -18.64 -32.31
C SER B 187 -6.47 -17.28 -32.34
N LEU B 188 -5.90 -16.36 -33.12
CA LEU B 188 -6.52 -15.06 -33.33
C LEU B 188 -6.37 -14.66 -34.79
N SER B 189 -6.89 -13.48 -35.12
CA SER B 189 -6.78 -12.95 -36.47
C SER B 189 -6.71 -11.42 -36.45
N SER B 190 -5.92 -10.86 -37.36
CA SER B 190 -5.76 -9.41 -37.45
C SER B 190 -6.19 -8.90 -38.81
N VAL B 191 -7.17 -7.99 -38.82
CA VAL B 191 -7.74 -7.52 -40.08
C VAL B 191 -7.44 -6.04 -40.35
N VAL B 192 -7.56 -5.65 -41.61
CA VAL B 192 -7.34 -4.28 -42.04
C VAL B 192 -8.22 -3.95 -43.24
N THR B 193 -8.72 -2.72 -43.29
CA THR B 193 -9.64 -2.31 -44.35
C THR B 193 -9.08 -1.17 -45.20
N VAL B 194 -8.67 -1.48 -46.42
CA VAL B 194 -8.18 -0.47 -47.36
C VAL B 194 -9.02 -0.47 -48.64
N PRO B 195 -9.53 0.71 -49.02
CA PRO B 195 -10.45 0.88 -50.15
C PRO B 195 -9.93 0.37 -51.50
N SER B 196 -8.74 0.81 -51.92
CA SER B 196 -8.30 0.59 -53.31
C SER B 196 -7.08 -0.32 -53.47
N SER B 197 -5.99 0.01 -52.77
CA SER B 197 -4.70 -0.68 -52.92
C SER B 197 -4.18 -0.60 -54.36
N TYR B 204 -1.22 -6.92 -48.34
CA TYR B 204 -0.07 -6.11 -47.97
C TYR B 204 1.01 -6.93 -47.30
N ILE B 205 1.28 -6.62 -46.03
CA ILE B 205 2.31 -7.32 -45.28
C ILE B 205 2.06 -7.28 -43.78
N CYS B 206 1.62 -8.40 -43.22
CA CYS B 206 1.39 -8.50 -41.79
C CYS B 206 2.57 -9.19 -41.10
N ASN B 207 3.05 -8.56 -40.02
CA ASN B 207 4.18 -9.09 -39.26
C ASN B 207 3.74 -9.77 -37.96
N VAL B 208 3.83 -11.09 -37.94
CA VAL B 208 3.43 -11.86 -36.76
C VAL B 208 4.64 -12.21 -35.89
N ASN B 209 4.55 -11.86 -34.60
CA ASN B 209 5.61 -12.11 -33.65
C ASN B 209 5.13 -12.91 -32.45
N HIS B 210 5.82 -14.03 -32.18
CA HIS B 210 5.49 -14.87 -31.03
C HIS B 210 6.73 -15.09 -30.17
N LYS B 211 6.89 -14.24 -29.16
CA LYS B 211 8.03 -14.30 -28.24
C LYS B 211 8.28 -15.67 -27.57
N PRO B 212 7.22 -16.35 -27.07
CA PRO B 212 7.48 -17.63 -26.39
C PRO B 212 8.14 -18.69 -27.27
N SER B 213 8.14 -18.51 -28.58
CA SER B 213 8.76 -19.47 -29.49
C SER B 213 9.78 -18.79 -30.40
N ASN B 214 10.01 -17.51 -30.17
CA ASN B 214 10.96 -16.72 -30.96
C ASN B 214 10.64 -16.74 -32.45
N THR B 215 9.36 -16.70 -32.78
CA THR B 215 8.91 -16.79 -34.17
C THR B 215 8.62 -15.41 -34.76
N LYS B 216 9.23 -15.13 -35.91
CA LYS B 216 8.98 -13.88 -36.62
C LYS B 216 8.54 -14.19 -38.05
N VAL B 217 7.23 -14.29 -38.25
CA VAL B 217 6.69 -14.65 -39.55
C VAL B 217 5.92 -13.51 -40.20
N ASP B 218 6.47 -12.98 -41.29
CA ASP B 218 5.83 -11.91 -42.03
C ASP B 218 5.18 -12.47 -43.31
N LYS B 219 3.88 -12.27 -43.44
CA LYS B 219 3.15 -12.80 -44.59
C LYS B 219 2.56 -11.70 -45.46
N LYS B 220 2.32 -12.01 -46.73
CA LYS B 220 1.74 -11.04 -47.66
C LYS B 220 0.33 -11.47 -48.07
N VAL B 221 -0.49 -10.49 -48.40
CA VAL B 221 -1.88 -10.75 -48.80
C VAL B 221 -2.19 -10.17 -50.18
N GLU B 222 -2.72 -11.01 -51.05
CA GLU B 222 -3.10 -10.59 -52.39
C GLU B 222 -4.21 -11.48 -52.95
N PRO B 223 -5.26 -10.85 -53.52
CA PRO B 223 -6.42 -11.56 -54.08
C PRO B 223 -6.01 -12.51 -55.21
N SER C 1 -14.86 -15.35 8.33
CA SER C 1 -14.49 -15.66 6.96
C SER C 1 -14.12 -14.40 6.18
N ASP C 2 -13.72 -14.59 4.93
CA ASP C 2 -13.32 -13.48 4.07
C ASP C 2 -14.44 -12.47 3.86
N ILE C 3 -14.08 -11.20 3.82
CA ILE C 3 -15.05 -10.15 3.51
C ILE C 3 -15.33 -10.18 2.01
N GLN C 4 -16.61 -10.25 1.66
CA GLN C 4 -17.01 -10.24 0.26
C GLN C 4 -17.45 -8.85 -0.16
N MET C 5 -16.99 -8.41 -1.33
CA MET C 5 -17.34 -7.09 -1.85
C MET C 5 -18.23 -7.24 -3.08
N THR C 6 -19.52 -7.45 -2.86
CA THR C 6 -20.47 -7.59 -3.95
C THR C 6 -20.64 -6.27 -4.69
N GLN C 7 -20.16 -6.21 -5.93
CA GLN C 7 -20.17 -4.98 -6.71
C GLN C 7 -21.25 -5.00 -7.78
N SER C 8 -22.00 -3.90 -7.89
CA SER C 8 -23.09 -3.81 -8.85
C SER C 8 -23.23 -2.40 -9.41
N PRO C 9 -23.65 -2.28 -10.67
CA PRO C 9 -23.99 -3.37 -11.59
C PRO C 9 -22.73 -3.96 -12.22
N SER C 10 -22.85 -5.16 -12.77
CA SER C 10 -21.72 -5.84 -13.41
C SER C 10 -21.27 -5.09 -14.66
N SER C 11 -22.23 -4.46 -15.34
CA SER C 11 -21.93 -3.71 -16.55
C SER C 11 -22.97 -2.63 -16.77
N LEU C 12 -22.56 -1.53 -17.40
CA LEU C 12 -23.47 -0.45 -17.70
C LEU C 12 -23.01 0.36 -18.91
N SER C 13 -23.97 0.94 -19.61
CA SER C 13 -23.68 1.78 -20.77
C SER C 13 -24.21 3.18 -20.53
N ALA C 14 -23.44 4.18 -20.96
CA ALA C 14 -23.83 5.57 -20.80
C ALA C 14 -23.14 6.45 -21.83
N SER C 15 -23.61 7.69 -21.96
CA SER C 15 -23.05 8.62 -22.93
C SER C 15 -22.17 9.66 -22.25
N VAL C 16 -21.44 10.41 -23.06
CA VAL C 16 -20.57 11.47 -22.56
C VAL C 16 -21.40 12.55 -21.87
N GLY C 17 -21.21 12.71 -20.57
CA GLY C 17 -21.93 13.72 -19.81
C GLY C 17 -22.92 13.12 -18.83
N ASP C 18 -23.12 11.81 -18.92
CA ASP C 18 -24.04 11.12 -18.03
C ASP C 18 -23.44 10.93 -16.64
N ARG C 19 -24.30 10.88 -15.63
CA ARG C 19 -23.89 10.67 -14.27
C ARG C 19 -23.94 9.17 -13.96
N VAL C 20 -22.79 8.59 -13.65
CA VAL C 20 -22.68 7.15 -13.43
C VAL C 20 -22.52 6.82 -11.96
N THR C 21 -23.28 5.83 -11.48
CA THR C 21 -23.21 5.39 -10.09
C THR C 21 -22.90 3.91 -9.98
N ILE C 22 -21.74 3.61 -9.40
CA ILE C 22 -21.30 2.24 -9.19
C ILE C 22 -21.32 1.89 -7.71
N THR C 23 -22.21 0.99 -7.32
CA THR C 23 -22.31 0.59 -5.92
C THR C 23 -21.51 -0.66 -5.62
N CYS C 24 -21.17 -0.84 -4.36
CA CYS C 24 -20.36 -1.95 -3.90
C CYS C 24 -20.61 -2.17 -2.42
N ARG C 25 -21.18 -3.31 -2.09
CA ARG C 25 -21.57 -3.62 -0.72
C ARG C 25 -20.61 -4.63 -0.10
N ALA C 26 -20.14 -4.33 1.11
CA ALA C 26 -19.23 -5.22 1.82
C ALA C 26 -20.02 -6.20 2.67
N SER C 27 -19.59 -7.46 2.67
CA SER C 27 -20.28 -8.51 3.41
C SER C 27 -20.31 -8.25 4.90
N GLN C 28 -19.36 -7.45 5.36
CA GLN C 28 -19.27 -7.07 6.77
C GLN C 28 -18.68 -5.66 6.85
N SER C 29 -18.75 -5.04 8.01
CA SER C 29 -18.24 -3.67 8.18
C SER C 29 -16.74 -3.58 7.93
N VAL C 30 -16.34 -2.67 7.07
CA VAL C 30 -14.92 -2.48 6.75
C VAL C 30 -14.51 -1.04 7.07
N SER C 31 -15.28 -0.39 7.94
CA SER C 31 -15.08 1.03 8.24
C SER C 31 -15.09 1.82 6.93
N SER C 32 -14.06 2.62 6.73
CA SER C 32 -13.94 3.42 5.51
C SER C 32 -12.76 2.97 4.66
N ALA C 33 -12.16 1.84 5.02
CA ALA C 33 -11.01 1.32 4.30
C ALA C 33 -11.42 0.72 2.97
N VAL C 34 -11.83 1.58 2.04
CA VAL C 34 -12.25 1.15 0.72
C VAL C 34 -11.53 1.97 -0.35
N ALA C 35 -11.03 1.29 -1.37
CA ALA C 35 -10.41 1.94 -2.50
C ALA C 35 -11.15 1.63 -3.80
N TRP C 36 -11.06 2.56 -4.76
CA TRP C 36 -11.63 2.38 -6.08
C TRP C 36 -10.52 2.45 -7.13
N TYR C 37 -10.48 1.45 -7.99
CA TYR C 37 -9.49 1.32 -9.07
C TYR C 37 -10.14 1.32 -10.44
N GLN C 38 -9.40 1.85 -11.42
CA GLN C 38 -9.80 1.83 -12.81
C GLN C 38 -8.83 1.01 -13.64
N GLN C 39 -9.34 0.01 -14.34
CA GLN C 39 -8.52 -0.80 -15.24
C GLN C 39 -9.04 -0.77 -16.66
N LYS C 40 -8.15 -0.41 -17.58
CA LYS C 40 -8.47 -0.41 -19.01
C LYS C 40 -7.85 -1.66 -19.63
N PRO C 41 -8.43 -2.14 -20.75
CA PRO C 41 -7.97 -3.41 -21.36
C PRO C 41 -6.48 -3.43 -21.68
N GLY C 42 -5.81 -4.49 -21.22
CA GLY C 42 -4.39 -4.67 -21.49
C GLY C 42 -3.50 -3.83 -20.60
N LYS C 43 -4.10 -3.07 -19.70
CA LYS C 43 -3.34 -2.19 -18.83
C LYS C 43 -3.53 -2.54 -17.35
N ALA C 44 -2.62 -2.02 -16.52
CA ALA C 44 -2.68 -2.26 -15.09
C ALA C 44 -3.66 -1.31 -14.43
N PRO C 45 -4.34 -1.76 -13.37
CA PRO C 45 -5.30 -0.94 -12.63
C PRO C 45 -4.68 0.36 -12.12
N LYS C 46 -5.45 1.44 -12.16
CA LYS C 46 -5.00 2.70 -11.59
C LYS C 46 -5.85 3.09 -10.38
N LEU C 47 -5.19 3.47 -9.30
CA LEU C 47 -5.88 3.93 -8.10
C LEU C 47 -6.64 5.23 -8.38
N LEU C 48 -7.90 5.26 -7.99
CA LEU C 48 -8.73 6.44 -8.17
C LEU C 48 -9.11 7.02 -6.82
N ILE C 49 -9.62 6.16 -5.95
CA ILE C 49 -10.10 6.61 -4.66
C ILE C 49 -9.50 5.76 -3.56
N TYR C 50 -9.19 6.35 -2.42
CA TYR C 50 -8.80 5.58 -1.25
C TYR C 50 -9.55 6.12 -0.04
N SER C 51 -9.66 5.28 0.99
CA SER C 51 -10.37 5.64 2.22
C SER C 51 -11.78 6.13 1.91
N ALA C 52 -12.48 5.37 1.08
CA ALA C 52 -13.87 5.64 0.71
C ALA C 52 -14.05 6.91 -0.12
N SER C 53 -13.65 8.06 0.43
CA SER C 53 -13.94 9.34 -0.22
C SER C 53 -12.74 10.21 -0.58
N SER C 54 -11.54 9.77 -0.23
CA SER C 54 -10.34 10.56 -0.52
C SER C 54 -9.87 10.38 -1.95
N LEU C 55 -9.92 11.46 -2.72
CA LEU C 55 -9.49 11.45 -4.11
C LEU C 55 -7.97 11.33 -4.20
N TYR C 56 -7.50 10.35 -4.95
CA TYR C 56 -6.06 10.16 -5.13
C TYR C 56 -5.48 11.29 -5.99
N SER C 57 -4.21 11.61 -5.76
CA SER C 57 -3.56 12.72 -6.45
C SER C 57 -3.51 12.52 -7.96
N GLY C 58 -3.86 13.57 -8.69
CA GLY C 58 -3.82 13.54 -10.15
C GLY C 58 -5.10 13.01 -10.79
N VAL C 59 -6.07 12.65 -9.96
CA VAL C 59 -7.34 12.10 -10.45
C VAL C 59 -8.38 13.21 -10.59
N PRO C 60 -9.05 13.27 -11.75
CA PRO C 60 -10.11 14.25 -12.04
C PRO C 60 -11.16 14.34 -10.96
N SER C 61 -11.63 15.55 -10.69
CA SER C 61 -12.59 15.79 -9.61
C SER C 61 -13.98 15.24 -9.91
N ARG C 62 -14.21 14.79 -11.14
CA ARG C 62 -15.49 14.21 -11.50
C ARG C 62 -15.70 12.85 -10.84
N PHE C 63 -14.60 12.23 -10.43
CA PHE C 63 -14.66 10.98 -9.67
C PHE C 63 -14.81 11.31 -8.18
N SER C 64 -15.81 10.71 -7.53
CA SER C 64 -15.97 10.88 -6.10
C SER C 64 -16.45 9.59 -5.43
N GLY C 65 -16.12 9.44 -4.15
CA GLY C 65 -16.51 8.26 -3.41
C GLY C 65 -17.35 8.59 -2.20
N SER C 66 -18.25 7.68 -1.83
CA SER C 66 -19.11 7.91 -0.68
C SER C 66 -19.32 6.60 0.09
N ARG C 67 -19.67 6.72 1.37
CA ARG C 67 -19.95 5.55 2.19
C ARG C 67 -21.20 5.72 3.03
N SER C 68 -22.12 4.77 2.90
CA SER C 68 -23.26 4.67 3.81
C SER C 68 -23.26 3.30 4.44
N GLY C 69 -22.77 3.22 5.68
CA GLY C 69 -22.67 1.94 6.37
C GLY C 69 -21.74 1.00 5.65
N THR C 70 -22.25 -0.17 5.28
CA THR C 70 -21.46 -1.16 4.57
C THR C 70 -21.59 -0.99 3.05
N ASP C 71 -22.24 0.09 2.63
CA ASP C 71 -22.38 0.39 1.21
C ASP C 71 -21.39 1.46 0.78
N PHE C 72 -20.78 1.27 -0.38
CA PHE C 72 -19.80 2.20 -0.90
C PHE C 72 -20.10 2.55 -2.34
N THR C 73 -19.95 3.83 -2.69
CA THR C 73 -20.39 4.32 -3.98
C THR C 73 -19.30 5.10 -4.72
N LEU C 74 -19.07 4.73 -5.97
CA LEU C 74 -18.21 5.50 -6.86
C LEU C 74 -19.08 6.24 -7.86
N THR C 75 -19.05 7.57 -7.80
CA THR C 75 -19.86 8.38 -8.69
C THR C 75 -18.98 9.16 -9.66
N ILE C 76 -19.36 9.11 -10.93
CA ILE C 76 -18.73 9.93 -11.97
C ILE C 76 -19.75 10.95 -12.46
N SER C 77 -19.51 12.22 -12.15
CA SER C 77 -20.45 13.29 -12.49
C SER C 77 -20.63 13.62 -13.97
N SER C 78 -19.55 14.01 -14.63
CA SER C 78 -19.60 14.31 -16.05
C SER C 78 -18.72 13.27 -16.75
N LEU C 79 -19.36 12.23 -17.26
CA LEU C 79 -18.65 11.12 -17.91
C LEU C 79 -17.86 11.60 -19.11
N GLN C 80 -16.53 11.48 -19.02
CA GLN C 80 -15.63 11.93 -20.07
C GLN C 80 -15.29 10.77 -21.02
N PRO C 81 -14.94 11.09 -22.28
CA PRO C 81 -14.64 10.10 -23.31
C PRO C 81 -13.54 9.08 -22.96
N GLU C 82 -12.71 9.37 -21.97
CA GLU C 82 -11.64 8.44 -21.60
C GLU C 82 -11.96 7.73 -20.29
N ASP C 83 -13.14 7.99 -19.73
CA ASP C 83 -13.54 7.40 -18.46
C ASP C 83 -14.25 6.07 -18.65
N PHE C 84 -14.01 5.43 -19.79
CA PHE C 84 -14.65 4.16 -20.09
C PHE C 84 -13.70 2.98 -19.87
N ALA C 85 -13.98 2.20 -18.84
CA ALA C 85 -13.14 1.06 -18.48
C ALA C 85 -13.87 0.15 -17.49
N THR C 86 -13.12 -0.69 -16.80
CA THR C 86 -13.67 -1.54 -15.76
C THR C 86 -13.29 -1.00 -14.38
N TYR C 87 -14.25 -0.90 -13.48
CA TYR C 87 -13.99 -0.32 -12.17
C TYR C 87 -14.13 -1.35 -11.05
N TYR C 88 -13.14 -1.38 -10.16
CA TYR C 88 -13.15 -2.33 -9.04
C TYR C 88 -13.16 -1.61 -7.70
N CYS C 89 -13.93 -2.12 -6.76
CA CYS C 89 -13.79 -1.69 -5.38
C CYS C 89 -12.82 -2.61 -4.65
N GLN C 90 -12.41 -2.21 -3.46
CA GLN C 90 -11.47 -2.98 -2.67
C GLN C 90 -11.61 -2.63 -1.20
N GLN C 91 -11.79 -3.64 -0.35
CA GLN C 91 -11.71 -3.42 1.08
C GLN C 91 -10.28 -3.73 1.52
N TYR C 92 -9.75 -2.97 2.46
CA TYR C 92 -8.39 -3.23 2.93
C TYR C 92 -8.20 -3.00 4.42
N LYS C 93 -9.25 -3.22 5.22
CA LYS C 93 -9.09 -3.15 6.66
C LYS C 93 -8.78 -4.53 7.24
N TYR C 94 -9.23 -5.57 6.56
CA TYR C 94 -8.95 -6.95 6.97
C TYR C 94 -8.17 -7.71 5.92
N VAL C 95 -7.29 -8.60 6.39
CA VAL C 95 -6.58 -9.53 5.53
C VAL C 95 -7.45 -10.79 5.41
N PRO C 96 -7.62 -11.30 4.18
CA PRO C 96 -7.07 -10.81 2.92
C PRO C 96 -7.81 -9.63 2.33
N VAL C 97 -7.05 -8.73 1.69
CA VAL C 97 -7.65 -7.64 0.95
C VAL C 97 -8.41 -8.24 -0.23
N THR C 98 -9.64 -7.79 -0.44
CA THR C 98 -10.51 -8.37 -1.45
C THR C 98 -11.13 -7.32 -2.36
N PHE C 99 -11.32 -7.68 -3.63
CA PHE C 99 -11.82 -6.76 -4.63
C PHE C 99 -13.23 -7.14 -5.08
N GLY C 100 -13.93 -6.19 -5.68
CA GLY C 100 -15.24 -6.46 -6.25
C GLY C 100 -15.13 -7.15 -7.58
N GLN C 101 -16.22 -7.77 -8.03
CA GLN C 101 -16.23 -8.53 -9.28
C GLN C 101 -15.95 -7.64 -10.48
N GLY C 102 -16.16 -6.34 -10.32
CA GLY C 102 -15.88 -5.39 -11.37
C GLY C 102 -17.14 -4.82 -12.02
N THR C 103 -17.01 -3.59 -12.51
CA THR C 103 -18.08 -2.95 -13.25
C THR C 103 -17.53 -2.42 -14.57
N LYS C 104 -17.98 -3.01 -15.67
CA LYS C 104 -17.56 -2.57 -16.98
C LYS C 104 -18.45 -1.42 -17.45
N VAL C 105 -17.83 -0.26 -17.69
CA VAL C 105 -18.54 0.90 -18.18
C VAL C 105 -18.27 1.08 -19.68
N GLU C 106 -19.33 1.26 -20.46
CA GLU C 106 -19.19 1.40 -21.91
C GLU C 106 -19.91 2.64 -22.46
N ILE C 107 -19.44 3.10 -23.61
CA ILE C 107 -20.01 4.29 -24.25
C ILE C 107 -21.34 3.98 -24.93
N LYS C 108 -22.26 4.93 -24.85
CA LYS C 108 -23.54 4.82 -25.55
C LYS C 108 -23.58 5.77 -26.73
N ARG C 109 -23.51 5.20 -27.94
CA ARG C 109 -23.55 5.99 -29.15
C ARG C 109 -24.75 5.58 -30.01
N THR C 110 -24.87 6.18 -31.18
CA THR C 110 -25.93 5.82 -32.12
C THR C 110 -25.66 4.46 -32.72
N VAL C 111 -26.71 3.77 -33.15
CA VAL C 111 -26.57 2.45 -33.74
C VAL C 111 -25.83 2.52 -35.07
N ALA C 112 -24.73 1.78 -35.16
CA ALA C 112 -23.93 1.74 -36.38
C ALA C 112 -24.09 0.40 -37.09
N ALA C 113 -24.24 0.45 -38.41
CA ALA C 113 -24.37 -0.75 -39.21
C ALA C 113 -23.06 -1.54 -39.25
N PRO C 114 -23.16 -2.87 -39.06
CA PRO C 114 -21.98 -3.74 -39.13
C PRO C 114 -21.55 -3.94 -40.58
N SER C 115 -20.41 -3.37 -40.98
CA SER C 115 -19.90 -3.66 -42.30
C SER C 115 -19.37 -5.08 -42.31
N VAL C 116 -20.16 -6.00 -42.87
CA VAL C 116 -19.87 -7.42 -42.79
C VAL C 116 -19.19 -7.96 -44.04
N PHE C 117 -18.04 -8.60 -43.84
CA PHE C 117 -17.31 -9.22 -44.93
C PHE C 117 -16.87 -10.64 -44.57
N ILE C 118 -16.25 -11.33 -45.51
CA ILE C 118 -15.95 -12.75 -45.36
C ILE C 118 -14.61 -13.13 -45.99
N PHE C 119 -13.97 -14.16 -45.43
CA PHE C 119 -12.71 -14.68 -45.94
C PHE C 119 -12.71 -16.21 -45.96
N PRO C 120 -12.40 -16.78 -47.14
CA PRO C 120 -12.28 -18.23 -47.33
C PRO C 120 -10.89 -18.73 -46.94
N PRO C 121 -10.76 -20.03 -46.63
CA PRO C 121 -9.47 -20.59 -46.22
C PRO C 121 -8.44 -20.56 -47.34
N SER C 122 -7.18 -20.27 -46.99
CA SER C 122 -6.10 -20.21 -47.97
C SER C 122 -5.74 -21.60 -48.47
N ASP C 123 -5.08 -21.65 -49.63
CA ASP C 123 -4.65 -22.92 -50.21
C ASP C 123 -3.54 -23.53 -49.36
N SER C 124 -2.77 -22.67 -48.69
CA SER C 124 -1.71 -23.13 -47.80
C SER C 124 -2.30 -23.81 -46.57
N GLN C 125 -3.44 -23.31 -46.12
CA GLN C 125 -4.13 -23.87 -44.96
C GLN C 125 -4.85 -25.17 -45.33
N LEU C 126 -5.46 -25.18 -46.52
CA LEU C 126 -6.19 -26.34 -46.99
C LEU C 126 -5.25 -27.51 -47.26
N LYS C 127 -3.98 -27.20 -47.45
CA LYS C 127 -2.96 -28.23 -47.67
C LYS C 127 -2.54 -28.87 -46.36
N SER C 128 -2.88 -28.23 -45.25
CA SER C 128 -2.52 -28.73 -43.93
C SER C 128 -3.52 -29.77 -43.41
N GLY C 129 -4.76 -29.66 -43.87
CA GLY C 129 -5.79 -30.61 -43.48
C GLY C 129 -6.95 -29.96 -42.75
N THR C 130 -6.75 -28.71 -42.33
CA THR C 130 -7.78 -27.98 -41.60
C THR C 130 -8.31 -26.82 -42.45
N ALA C 131 -9.53 -26.37 -42.14
CA ALA C 131 -10.13 -25.26 -42.87
C ALA C 131 -10.84 -24.30 -41.93
N SER C 132 -10.54 -23.01 -42.08
CA SER C 132 -11.19 -21.98 -41.28
C SER C 132 -11.77 -20.87 -42.15
N VAL C 133 -13.08 -20.65 -42.04
CA VAL C 133 -13.72 -19.53 -42.69
C VAL C 133 -13.86 -18.41 -41.68
N VAL C 134 -13.62 -17.18 -42.11
CA VAL C 134 -13.62 -16.06 -41.16
C VAL C 134 -14.60 -14.95 -41.55
N CYS C 135 -15.60 -14.72 -40.70
CA CYS C 135 -16.58 -13.67 -40.93
C CYS C 135 -16.27 -12.45 -40.07
N LEU C 136 -16.17 -11.29 -40.70
CA LEU C 136 -15.77 -10.07 -40.01
C LEU C 136 -16.88 -9.00 -40.00
N LEU C 137 -17.34 -8.65 -38.80
CA LEU C 137 -18.31 -7.59 -38.61
C LEU C 137 -17.58 -6.35 -38.13
N ASN C 138 -17.44 -5.35 -39.00
CA ASN C 138 -16.64 -4.18 -38.65
C ASN C 138 -17.46 -2.95 -38.27
N ASN C 139 -17.04 -2.29 -37.19
CA ASN C 139 -17.63 -1.04 -36.70
C ASN C 139 -19.10 -0.81 -36.39
N PHE C 140 -19.65 -1.68 -35.53
CA PHE C 140 -21.05 -1.56 -35.13
C PHE C 140 -21.38 -1.28 -33.68
N TYR C 141 -22.68 -1.20 -33.39
CA TYR C 141 -23.17 -0.94 -32.04
C TYR C 141 -24.65 -1.30 -31.99
N PRO C 142 -25.09 -1.95 -30.89
CA PRO C 142 -24.29 -2.33 -29.72
C PRO C 142 -23.53 -3.63 -29.94
N ARG C 143 -22.83 -4.08 -28.90
CA ARG C 143 -22.01 -5.28 -28.95
C ARG C 143 -22.81 -6.52 -29.30
N GLU C 144 -24.03 -6.61 -28.76
CA GLU C 144 -24.89 -7.77 -28.98
C GLU C 144 -25.22 -7.98 -30.45
N ALA C 145 -24.81 -9.13 -30.98
CA ALA C 145 -25.06 -9.46 -32.37
C ALA C 145 -25.47 -10.92 -32.53
N LYS C 146 -26.02 -11.26 -33.70
CA LYS C 146 -26.47 -12.62 -33.97
C LYS C 146 -25.80 -13.18 -35.23
N VAL C 147 -24.74 -13.95 -35.03
CA VAL C 147 -24.00 -14.53 -36.14
C VAL C 147 -24.35 -16.01 -36.36
N GLN C 148 -24.86 -16.32 -37.54
CA GLN C 148 -25.24 -17.68 -37.88
C GLN C 148 -24.51 -18.18 -39.12
N TRP C 149 -24.04 -19.42 -39.09
CA TRP C 149 -23.30 -20.00 -40.19
C TRP C 149 -24.13 -21.01 -40.98
N LYS C 150 -23.81 -21.14 -42.27
CA LYS C 150 -24.47 -22.08 -43.16
C LYS C 150 -23.68 -22.22 -44.45
N VAL C 151 -23.63 -23.43 -44.99
CA VAL C 151 -22.93 -23.70 -46.23
C VAL C 151 -23.72 -24.66 -47.11
N SER C 157 -24.96 -24.74 -35.37
CA SER C 157 -24.17 -25.91 -34.99
C SER C 157 -22.91 -25.49 -34.25
N GLY C 158 -22.01 -26.44 -34.03
CA GLY C 158 -20.74 -26.15 -33.38
C GLY C 158 -19.70 -25.67 -34.36
N ASN C 159 -18.44 -25.98 -34.09
CA ASN C 159 -17.34 -25.66 -34.99
C ASN C 159 -17.16 -24.17 -35.26
N SER C 160 -17.77 -23.34 -34.43
CA SER C 160 -17.74 -21.89 -34.63
C SER C 160 -17.39 -21.15 -33.35
N GLN C 161 -16.38 -20.28 -33.42
CA GLN C 161 -15.97 -19.48 -32.28
C GLN C 161 -15.82 -18.01 -32.66
N GLU C 162 -16.51 -17.14 -31.92
CA GLU C 162 -16.45 -15.71 -32.19
C GLU C 162 -15.54 -14.98 -31.21
N SER C 163 -15.14 -13.76 -31.59
CA SER C 163 -14.22 -12.97 -30.77
C SER C 163 -14.48 -11.48 -30.97
N VAL C 164 -14.70 -10.77 -29.88
CA VAL C 164 -15.02 -9.34 -29.96
C VAL C 164 -13.89 -8.46 -29.42
N THR C 165 -13.62 -7.36 -30.11
CA THR C 165 -12.63 -6.40 -29.64
C THR C 165 -13.25 -5.46 -28.62
N GLU C 166 -12.45 -4.52 -28.12
CA GLU C 166 -12.94 -3.52 -27.20
C GLU C 166 -13.56 -2.36 -27.97
N GLN C 167 -14.09 -1.39 -27.24
CA GLN C 167 -14.74 -0.25 -27.87
C GLN C 167 -13.69 0.77 -28.32
N ASP C 168 -13.57 0.94 -29.64
CA ASP C 168 -12.60 1.87 -30.20
C ASP C 168 -12.96 3.31 -29.85
N SER C 169 -12.12 3.93 -29.02
CA SER C 169 -12.39 5.27 -28.50
C SER C 169 -12.58 6.33 -29.59
N LYS C 170 -12.04 6.05 -30.78
CA LYS C 170 -12.15 6.98 -31.91
C LYS C 170 -13.52 6.92 -32.57
N ASP C 171 -14.20 5.78 -32.43
CA ASP C 171 -15.49 5.58 -33.08
C ASP C 171 -16.55 5.06 -32.12
N SER C 172 -16.11 4.63 -30.93
CA SER C 172 -17.00 4.06 -29.91
C SER C 172 -17.77 2.83 -30.43
N THR C 173 -17.19 2.16 -31.41
CA THR C 173 -17.81 1.00 -32.03
C THR C 173 -17.12 -0.30 -31.63
N TYR C 174 -17.67 -1.42 -32.08
CA TYR C 174 -17.10 -2.73 -31.82
C TYR C 174 -16.77 -3.46 -33.11
N SER C 175 -16.09 -4.59 -33.00
CA SER C 175 -15.79 -5.44 -34.14
C SER C 175 -15.84 -6.90 -33.72
N LEU C 176 -16.42 -7.74 -34.57
CA LEU C 176 -16.56 -9.16 -34.23
C LEU C 176 -15.94 -10.05 -35.30
N SER C 177 -15.32 -11.14 -34.85
CA SER C 177 -14.69 -12.10 -35.75
C SER C 177 -15.18 -13.51 -35.45
N SER C 178 -16.04 -14.03 -36.32
CA SER C 178 -16.58 -15.37 -36.13
C SER C 178 -15.88 -16.36 -37.04
N THR C 179 -15.21 -17.34 -36.45
CA THR C 179 -14.43 -18.31 -37.20
C THR C 179 -15.08 -19.69 -37.18
N LEU C 180 -15.39 -20.20 -38.37
CA LEU C 180 -15.93 -21.54 -38.53
C LEU C 180 -14.79 -22.50 -38.89
N THR C 181 -14.61 -23.53 -38.08
CA THR C 181 -13.50 -24.45 -38.28
C THR C 181 -13.97 -25.87 -38.59
N LEU C 182 -13.70 -26.32 -39.81
CA LEU C 182 -14.06 -27.67 -40.24
C LEU C 182 -12.85 -28.40 -40.79
N SER C 183 -12.94 -29.73 -40.86
CA SER C 183 -11.89 -30.53 -41.46
C SER C 183 -11.91 -30.32 -42.96
N LYS C 184 -10.80 -30.67 -43.62
CA LYS C 184 -10.68 -30.47 -45.06
C LYS C 184 -11.76 -31.23 -45.83
N ALA C 185 -11.97 -32.49 -45.44
CA ALA C 185 -12.97 -33.34 -46.09
C ALA C 185 -14.38 -32.76 -45.95
N ASP C 186 -14.77 -32.47 -44.71
CA ASP C 186 -16.08 -31.91 -44.43
C ASP C 186 -16.27 -30.55 -45.11
N TYR C 187 -15.17 -29.82 -45.27
CA TYR C 187 -15.19 -28.55 -45.99
C TYR C 187 -15.47 -28.79 -47.47
N GLU C 188 -14.87 -29.85 -48.02
CA GLU C 188 -15.05 -30.17 -49.43
C GLU C 188 -16.35 -30.93 -49.66
N LYS C 189 -17.07 -31.24 -48.59
CA LYS C 189 -18.38 -31.87 -48.70
C LYS C 189 -19.45 -30.88 -49.15
N HIS C 190 -19.51 -29.74 -48.46
CA HIS C 190 -20.50 -28.71 -48.79
C HIS C 190 -20.08 -27.87 -49.98
N ARG D 4 -1.84 2.53 46.99
CA ARG D 4 -0.68 2.12 46.20
C ARG D 4 -0.86 2.50 44.73
N PRO D 6 -1.83 1.95 41.09
CA PRO D 6 -2.86 1.14 40.39
C PRO D 6 -2.26 0.04 39.53
N PRO D 7 -2.46 -1.23 39.93
CA PRO D 7 -1.96 -2.39 39.19
C PRO D 7 -2.93 -2.81 38.10
N LEU D 9 -3.68 -6.18 35.13
CA LEU D 9 -3.34 -7.50 34.57
C LEU D 9 -3.77 -7.61 33.12
N GLY D 10 -2.86 -7.30 32.21
CA GLY D 10 -3.16 -7.34 30.79
C GLY D 10 -3.22 -8.76 30.26
N PRO D 11 -4.02 -8.97 29.20
CA PRO D 11 -4.18 -10.28 28.55
C PRO D 11 -2.87 -10.79 27.98
N GLU D 14 -11.28 -8.00 27.79
CA GLU D 14 -12.32 -7.94 28.80
C GLU D 14 -13.21 -6.71 28.61
N CYS D 16 -15.42 -4.11 25.76
CA CYS D 16 -16.11 -4.08 24.49
C CYS D 16 -15.15 -3.56 23.42
N ALA D 19 -16.14 0.71 18.79
CA ALA D 19 -17.05 0.76 17.66
C ALA D 19 -16.88 2.02 16.84
N LEU D 23 -21.92 10.03 11.25
CA LEU D 23 -22.14 11.43 11.60
C LEU D 23 -22.47 12.23 10.35
N ALA D 24 -23.68 12.78 10.31
CA ALA D 24 -24.14 13.54 9.15
C ALA D 24 -23.39 14.85 9.00
N LYS D 25 -23.39 15.39 7.79
CA LYS D 25 -22.75 16.67 7.53
C LYS D 25 -23.69 17.83 7.83
N ASP D 26 -23.13 19.03 7.96
CA ASP D 26 -23.93 20.21 8.24
C ASP D 26 -23.44 21.41 7.43
#